data_8EVV
#
_entry.id   8EVV
#
_cell.length_a   71.372
_cell.length_b   80.329
_cell.length_c   271.978
_cell.angle_alpha   90.00
_cell.angle_beta   90.00
_cell.angle_gamma   90.00
#
_symmetry.space_group_name_H-M   'P 21 21 21'
#
loop_
_entity.id
_entity.type
_entity.pdbx_description
1 polymer 'D-alanine--D-alanine ligase A'
2 water water
#
_entity_poly.entity_id   1
_entity_poly.type   'polypeptide(L)'
_entity_poly.pdbx_seq_one_letter_code
;GMGQDKLKVAVLFGGSSEERDVSIASGAQVIQALRSAGHQVLAVDTASGLLGAEEERRLLASKVKEVPPDSDSLAIIRSG
KQSLLSAGELAGVDVFFLALHGGTGEDGTLQALLDAGGFAYTGSGHLASAMAMDKDVAKRLFLAAGVETASWLMAPASEE
EVREQLGFPLVVKPNSQGSTVGLSIVHSQAELQPAIELAGRYGDEVMLERFVAGREVTVGVLDDQALPVGEILLGGQEVF
DYEHKYQAGAVREVFPADLPPAIAAEAQRLALKVHRALKLSGYSRTDFRLDEQGRLWCLEVNTLPGMTATSLLPQAAAAA
GIGFAELCERICRLGIERCKGARKARS
;
_entity_poly.pdbx_strand_id   A,B,C,D
#
# COMPACT_ATOMS: atom_id res chain seq x y z
N GLN A 4 -16.73 19.89 -36.61
CA GLN A 4 -16.97 21.23 -37.11
C GLN A 4 -18.41 21.69 -36.86
N ASP A 5 -19.07 21.06 -35.90
CA ASP A 5 -20.38 21.53 -35.47
C ASP A 5 -20.25 22.88 -34.79
N LYS A 6 -21.26 23.72 -34.96
CA LYS A 6 -21.21 25.07 -34.42
C LYS A 6 -21.22 25.05 -32.90
N LEU A 7 -20.50 26.01 -32.32
CA LEU A 7 -20.30 26.07 -30.88
C LEU A 7 -21.22 27.11 -30.23
N LYS A 8 -21.37 26.97 -28.93
CA LYS A 8 -21.98 28.00 -28.08
C LYS A 8 -20.87 28.56 -27.22
N VAL A 9 -20.46 29.79 -27.50
CA VAL A 9 -19.29 30.40 -26.89
C VAL A 9 -19.72 31.57 -26.02
N ALA A 10 -19.19 31.64 -24.81
CA ALA A 10 -19.36 32.79 -23.94
C ALA A 10 -18.05 33.60 -24.00
N VAL A 11 -18.15 34.83 -24.50
CA VAL A 11 -16.99 35.71 -24.60
C VAL A 11 -16.92 36.53 -23.32
N LEU A 12 -15.90 36.27 -22.52
CA LEU A 12 -15.73 36.89 -21.21
C LEU A 12 -14.78 38.08 -21.35
N PHE A 13 -15.27 39.26 -20.98
CA PHE A 13 -14.48 40.48 -21.07
C PHE A 13 -14.66 41.27 -19.78
N GLY A 14 -13.85 42.32 -19.64
CA GLY A 14 -13.97 43.18 -18.48
C GLY A 14 -12.65 43.35 -17.73
N GLY A 15 -12.61 42.85 -16.51
CA GLY A 15 -11.43 42.98 -15.69
C GLY A 15 -11.45 44.24 -14.84
N SER A 16 -10.27 44.60 -14.35
CA SER A 16 -10.14 45.81 -13.54
C SER A 16 -10.31 47.05 -14.42
N SER A 17 -10.47 48.20 -13.75
CA SER A 17 -10.77 49.44 -14.46
C SER A 17 -9.72 49.78 -15.50
N GLU A 18 -8.44 49.54 -15.19
CA GLU A 18 -7.37 49.86 -16.11
C GLU A 18 -7.30 48.92 -17.31
N GLU A 19 -7.99 47.79 -17.26
CA GLU A 19 -7.99 46.83 -18.36
C GLU A 19 -9.25 46.86 -19.21
N ARG A 20 -10.31 47.50 -18.74
CA ARG A 20 -11.63 47.31 -19.34
C ARG A 20 -11.68 47.82 -20.77
N ASP A 21 -11.01 48.95 -21.06
CA ASP A 21 -11.10 49.55 -22.39
C ASP A 21 -10.61 48.59 -23.47
N VAL A 22 -9.38 48.10 -23.33
CA VAL A 22 -8.84 47.19 -24.34
C VAL A 22 -9.55 45.84 -24.26
N SER A 23 -9.99 45.43 -23.07
CA SER A 23 -10.71 44.16 -22.96
C SER A 23 -12.06 44.23 -23.67
N ILE A 24 -12.77 45.35 -23.51
CA ILE A 24 -14.06 45.51 -24.18
C ILE A 24 -13.89 45.54 -25.69
N ALA A 25 -12.84 46.22 -26.17
CA ALA A 25 -12.57 46.26 -27.60
C ALA A 25 -12.30 44.86 -28.14
N SER A 26 -11.55 44.05 -27.37
CA SER A 26 -11.30 42.67 -27.79
C SER A 26 -12.58 41.84 -27.73
N GLY A 27 -13.37 42.00 -26.67
CA GLY A 27 -14.59 41.21 -26.53
C GLY A 27 -15.55 41.41 -27.69
N ALA A 28 -15.77 42.68 -28.07
CA ALA A 28 -16.65 42.96 -29.20
C ALA A 28 -16.12 42.37 -30.50
N GLN A 29 -14.81 42.51 -30.75
CA GLN A 29 -14.24 41.96 -31.97
C GLN A 29 -14.33 40.44 -32.00
N VAL A 30 -14.11 39.79 -30.85
CA VAL A 30 -14.18 38.32 -30.79
C VAL A 30 -15.61 37.85 -30.97
N ILE A 31 -16.58 38.58 -30.40
CA ILE A 31 -17.99 38.23 -30.57
C ILE A 31 -18.38 38.26 -32.04
N GLN A 32 -18.03 39.35 -32.73
CA GLN A 32 -18.38 39.46 -34.15
C GLN A 32 -17.66 38.41 -34.99
N ALA A 33 -16.40 38.14 -34.67
CA ALA A 33 -15.64 37.15 -35.41
C ALA A 33 -16.27 35.76 -35.28
N LEU A 34 -16.61 35.37 -34.05
CA LEU A 34 -17.21 34.06 -33.85
C LEU A 34 -18.63 33.99 -34.39
N ARG A 35 -19.36 35.12 -34.36
CA ARG A 35 -20.69 35.12 -34.96
C ARG A 35 -20.61 35.02 -36.48
N SER A 36 -19.59 35.63 -37.09
CA SER A 36 -19.40 35.50 -38.52
C SER A 36 -19.04 34.08 -38.94
N ALA A 37 -18.57 33.26 -38.00
CA ALA A 37 -18.25 31.86 -38.27
C ALA A 37 -19.40 30.92 -37.94
N GLY A 38 -20.59 31.47 -37.66
CA GLY A 38 -21.78 30.66 -37.49
C GLY A 38 -22.07 30.16 -36.10
N HIS A 39 -21.30 30.59 -35.09
CA HIS A 39 -21.51 30.12 -33.73
C HIS A 39 -22.46 31.04 -32.96
N GLN A 40 -23.13 30.46 -31.97
CA GLN A 40 -23.93 31.26 -31.04
C GLN A 40 -23.03 31.80 -29.94
N VAL A 41 -23.04 33.12 -29.76
CA VAL A 41 -22.10 33.80 -28.90
C VAL A 41 -22.86 34.63 -27.87
N LEU A 42 -22.38 34.61 -26.62
CA LEU A 42 -22.95 35.39 -25.54
C LEU A 42 -21.88 36.31 -24.95
N ALA A 43 -22.27 37.53 -24.64
CA ALA A 43 -21.37 38.52 -24.05
C ALA A 43 -21.52 38.49 -22.53
N VAL A 44 -20.40 38.34 -21.83
CA VAL A 44 -20.38 38.23 -20.38
C VAL A 44 -19.33 39.19 -19.83
N ASP A 45 -19.75 40.11 -18.96
CA ASP A 45 -18.86 41.03 -18.28
C ASP A 45 -18.44 40.43 -16.94
N THR A 46 -17.15 40.55 -16.63
CA THR A 46 -16.65 40.03 -15.36
C THR A 46 -17.31 40.70 -14.16
N ALA A 47 -17.84 41.90 -14.32
CA ALA A 47 -18.40 42.67 -13.22
C ALA A 47 -19.92 42.61 -13.15
N SER A 48 -20.58 41.89 -14.05
CA SER A 48 -22.04 41.88 -14.05
C SER A 48 -22.64 40.64 -14.68
N GLY A 49 -21.82 39.81 -15.34
CA GLY A 49 -22.33 38.60 -15.95
C GLY A 49 -22.92 38.84 -17.34
N LEU A 50 -23.94 38.05 -17.66
CA LEU A 50 -24.55 38.11 -18.99
C LEU A 50 -25.12 39.50 -19.27
N LEU A 51 -24.85 40.01 -20.46
CA LEU A 51 -25.26 41.36 -20.83
C LEU A 51 -26.73 41.40 -21.20
N GLY A 52 -27.33 42.57 -20.99
CA GLY A 52 -28.67 42.82 -21.49
C GLY A 52 -28.66 43.19 -22.96
N ALA A 53 -29.87 43.31 -23.51
CA ALA A 53 -30.00 43.60 -24.95
C ALA A 53 -29.41 44.96 -25.29
N GLU A 54 -29.78 46.00 -24.53
CA GLU A 54 -29.21 47.33 -24.76
C GLU A 54 -27.72 47.35 -24.45
N GLU A 55 -27.28 46.57 -23.47
CA GLU A 55 -25.87 46.55 -23.11
C GLU A 55 -25.02 45.93 -24.23
N GLU A 56 -25.50 44.84 -24.83
CA GLU A 56 -24.75 44.24 -25.94
C GLU A 56 -24.77 45.13 -27.17
N ARG A 57 -25.88 45.83 -27.41
CA ARG A 57 -25.94 46.77 -28.52
C ARG A 57 -24.87 47.85 -28.37
N ARG A 58 -24.74 48.42 -27.16
CA ARG A 58 -23.72 49.43 -26.92
C ARG A 58 -22.32 48.84 -26.96
N LEU A 59 -22.17 47.60 -26.49
CA LEU A 59 -20.86 46.94 -26.54
C LEU A 59 -20.36 46.82 -27.97
N LEU A 60 -21.24 46.39 -28.87
CA LEU A 60 -20.81 46.15 -30.25
C LEU A 60 -20.75 47.44 -31.06
N ALA A 61 -21.61 48.41 -30.77
CA ALA A 61 -21.67 49.62 -31.59
C ALA A 61 -20.64 50.65 -31.18
N SER A 62 -20.47 50.89 -29.89
CA SER A 62 -19.57 51.93 -29.42
C SER A 62 -18.47 51.43 -28.50
N LYS A 63 -18.41 50.12 -28.24
CA LYS A 63 -17.32 49.51 -27.47
C LYS A 63 -17.24 50.09 -26.06
N VAL A 64 -18.40 50.26 -25.41
CA VAL A 64 -18.45 50.77 -24.05
C VAL A 64 -19.40 49.91 -23.23
N LYS A 65 -19.10 49.84 -21.93
CA LYS A 65 -19.98 49.24 -20.92
C LYS A 65 -19.47 49.79 -19.59
N GLU A 66 -19.93 50.99 -19.25
CA GLU A 66 -19.58 51.60 -17.98
C GLU A 66 -20.20 50.83 -16.83
N VAL A 67 -19.48 50.78 -15.72
CA VAL A 67 -19.85 49.91 -14.60
C VAL A 67 -19.73 50.70 -13.31
N PRO A 68 -20.62 50.42 -12.34
CA PRO A 68 -20.65 51.21 -11.10
C PRO A 68 -19.28 51.38 -10.46
N PRO A 69 -19.09 52.42 -9.65
CA PRO A 69 -17.78 52.62 -9.02
C PRO A 69 -17.42 51.54 -8.00
N ASP A 70 -18.41 50.96 -7.32
CA ASP A 70 -18.18 49.89 -6.37
C ASP A 70 -18.24 48.50 -7.01
N SER A 71 -18.19 48.44 -8.34
CA SER A 71 -18.25 47.16 -9.04
C SER A 71 -17.05 46.30 -8.71
N ASP A 72 -17.27 44.99 -8.71
CA ASP A 72 -16.22 44.02 -8.46
C ASP A 72 -15.72 43.48 -9.80
N SER A 73 -14.44 43.66 -10.08
CA SER A 73 -13.84 43.22 -11.34
C SER A 73 -13.93 41.72 -11.53
N LEU A 74 -14.36 40.97 -10.51
CA LEU A 74 -14.39 39.51 -10.60
C LEU A 74 -15.67 38.95 -10.00
N ALA A 75 -16.78 39.69 -10.13
CA ALA A 75 -18.03 39.28 -9.51
C ALA A 75 -18.56 37.97 -10.08
N ILE A 76 -18.00 37.50 -11.19
CA ILE A 76 -18.56 36.33 -11.84
C ILE A 76 -18.23 35.05 -11.08
N ILE A 77 -17.10 35.02 -10.37
CA ILE A 77 -16.66 33.81 -9.67
C ILE A 77 -17.07 33.81 -8.20
N ARG A 78 -17.01 34.95 -7.51
CA ARG A 78 -17.50 34.99 -6.14
C ARG A 78 -19.00 35.15 -6.18
N SER A 79 -19.70 34.03 -6.05
CA SER A 79 -21.16 34.02 -6.04
C SER A 79 -21.66 33.33 -4.78
N SER A 83 -25.87 32.15 -9.47
CA SER A 83 -24.53 32.13 -10.04
C SER A 83 -24.52 32.75 -11.44
N LEU A 84 -23.62 33.69 -11.67
CA LEU A 84 -23.60 34.41 -12.94
C LEU A 84 -23.09 33.55 -14.10
N LEU A 85 -22.32 32.50 -13.83
CA LEU A 85 -21.70 31.71 -14.89
C LEU A 85 -22.59 30.60 -15.44
N SER A 86 -23.69 30.27 -14.76
CA SER A 86 -24.54 29.17 -15.17
C SER A 86 -25.99 29.55 -15.36
N ALA A 87 -26.42 30.71 -14.86
CA ALA A 87 -27.83 31.07 -14.89
C ALA A 87 -28.27 31.46 -16.30
N GLY A 88 -29.51 31.13 -16.62
CA GLY A 88 -30.10 31.60 -17.86
C GLY A 88 -29.54 30.90 -19.08
N GLU A 89 -29.29 31.69 -20.12
CA GLU A 89 -28.87 31.16 -21.42
C GLU A 89 -27.44 30.62 -21.40
N LEU A 90 -26.67 30.90 -20.34
CA LEU A 90 -25.31 30.38 -20.27
C LEU A 90 -25.26 28.86 -20.10
N ALA A 91 -26.41 28.21 -19.91
CA ALA A 91 -26.45 26.76 -19.92
C ALA A 91 -26.15 26.23 -21.32
N GLY A 92 -25.34 25.17 -21.39
CA GLY A 92 -24.95 24.60 -22.66
C GLY A 92 -23.79 25.29 -23.34
N VAL A 93 -23.17 26.29 -22.70
CA VAL A 93 -22.00 26.95 -23.27
C VAL A 93 -20.86 25.95 -23.36
N ASP A 94 -20.27 25.84 -24.56
CA ASP A 94 -19.19 24.87 -24.76
C ASP A 94 -17.89 25.34 -24.14
N VAL A 95 -17.62 26.65 -24.19
CA VAL A 95 -16.33 27.17 -23.78
C VAL A 95 -16.46 28.67 -23.51
N PHE A 96 -15.67 29.16 -22.56
CA PHE A 96 -15.56 30.58 -22.28
C PHE A 96 -14.31 31.11 -22.97
N PHE A 97 -14.50 32.03 -23.92
CA PHE A 97 -13.36 32.71 -24.53
C PHE A 97 -12.96 33.88 -23.63
N LEU A 98 -11.71 33.86 -23.16
CA LEU A 98 -11.22 34.88 -22.23
C LEU A 98 -10.70 36.06 -23.04
N ALA A 99 -11.59 37.01 -23.31
CA ALA A 99 -11.22 38.24 -24.01
C ALA A 99 -10.76 39.31 -23.01
N LEU A 100 -9.90 38.90 -22.09
CA LEU A 100 -9.43 39.77 -21.03
C LEU A 100 -8.05 40.31 -21.36
N HIS A 101 -7.61 41.25 -20.53
CA HIS A 101 -6.29 41.86 -20.68
C HIS A 101 -5.72 42.08 -19.30
N GLY A 102 -4.40 41.95 -19.19
CA GLY A 102 -3.73 42.25 -17.92
C GLY A 102 -3.87 41.14 -16.89
N GLY A 103 -3.72 41.55 -15.63
CA GLY A 103 -3.64 40.60 -14.54
C GLY A 103 -4.89 39.77 -14.34
N THR A 104 -6.06 40.33 -14.63
CA THR A 104 -7.31 39.59 -14.44
C THR A 104 -7.30 38.27 -15.21
N GLY A 105 -6.64 38.25 -16.38
CA GLY A 105 -6.59 37.03 -17.17
C GLY A 105 -5.26 36.29 -17.08
N GLU A 106 -4.26 36.93 -16.47
CA GLU A 106 -2.90 36.39 -16.44
C GLU A 106 -2.48 35.78 -15.11
N ASP A 107 -3.05 36.22 -13.98
CA ASP A 107 -2.54 35.77 -12.69
C ASP A 107 -3.01 34.35 -12.33
N GLY A 108 -3.90 33.76 -13.11
CA GLY A 108 -4.33 32.39 -12.91
C GLY A 108 -5.53 32.21 -12.00
N THR A 109 -5.99 33.27 -11.34
CA THR A 109 -7.13 33.13 -10.43
C THR A 109 -8.38 32.69 -11.17
N LEU A 110 -8.73 33.39 -12.25
CA LEU A 110 -9.95 33.04 -12.99
C LEU A 110 -9.86 31.61 -13.51
N GLN A 111 -8.73 31.23 -14.08
CA GLN A 111 -8.56 29.88 -14.62
C GLN A 111 -8.74 28.82 -13.53
N ALA A 112 -8.20 29.07 -12.33
CA ALA A 112 -8.33 28.10 -11.25
C ALA A 112 -9.77 27.90 -10.85
N LEU A 113 -10.54 28.98 -10.73
CA LEU A 113 -11.94 28.84 -10.34
C LEU A 113 -12.79 28.29 -11.48
N LEU A 114 -12.46 28.62 -12.73
CA LEU A 114 -13.15 27.98 -13.85
C LEU A 114 -12.87 26.48 -13.88
N ASP A 115 -11.64 26.09 -13.55
CA ASP A 115 -11.34 24.66 -13.41
C ASP A 115 -12.21 24.02 -12.35
N ALA A 116 -12.37 24.69 -11.21
CA ALA A 116 -13.15 24.12 -10.11
C ALA A 116 -14.61 23.95 -10.49
N GLY A 117 -15.14 24.87 -11.30
CA GLY A 117 -16.50 24.76 -11.78
C GLY A 117 -16.71 23.81 -12.94
N GLY A 118 -15.64 23.23 -13.47
CA GLY A 118 -15.77 22.36 -14.63
C GLY A 118 -16.00 23.07 -15.94
N PHE A 119 -15.77 24.38 -16.00
CA PHE A 119 -16.00 25.13 -17.23
C PHE A 119 -14.79 25.07 -18.15
N ALA A 120 -15.05 24.90 -19.44
CA ALA A 120 -14.00 24.98 -20.44
C ALA A 120 -13.69 26.44 -20.77
N TYR A 121 -12.43 26.72 -21.05
CA TYR A 121 -12.01 28.07 -21.37
C TYR A 121 -10.78 28.02 -22.26
N THR A 122 -10.46 29.17 -22.83
CA THR A 122 -9.35 29.30 -23.76
C THR A 122 -8.04 29.61 -23.03
N GLY A 123 -6.93 29.29 -23.68
CA GLY A 123 -5.63 29.65 -23.16
C GLY A 123 -5.12 28.73 -22.07
N SER A 124 -4.01 29.17 -21.46
CA SER A 124 -3.28 28.34 -20.51
C SER A 124 -4.01 28.26 -19.17
N GLY A 125 -3.67 27.23 -18.41
CA GLY A 125 -4.27 27.00 -17.10
C GLY A 125 -3.68 27.91 -16.03
N HIS A 126 -4.10 27.65 -14.79
CA HIS A 126 -3.82 28.60 -13.72
C HIS A 126 -2.35 28.58 -13.29
N LEU A 127 -1.73 27.40 -13.25
CA LEU A 127 -0.29 27.35 -12.95
C LEU A 127 0.52 27.97 -14.08
N ALA A 128 0.22 27.57 -15.33
CA ALA A 128 0.98 28.08 -16.47
C ALA A 128 0.84 29.59 -16.62
N SER A 129 -0.37 30.11 -16.39
CA SER A 129 -0.57 31.55 -16.51
C SER A 129 0.20 32.29 -15.43
N ALA A 130 0.17 31.78 -14.19
CA ALA A 130 0.83 32.48 -13.08
C ALA A 130 2.34 32.50 -13.25
N MET A 131 2.94 31.38 -13.68
CA MET A 131 4.39 31.36 -13.89
C MET A 131 4.81 32.34 -14.98
N ALA A 132 4.05 32.37 -16.09
CA ALA A 132 4.41 33.25 -17.19
C ALA A 132 4.27 34.72 -16.82
N MET A 133 3.32 35.05 -15.94
CA MET A 133 3.12 36.44 -15.52
C MET A 133 4.28 36.93 -14.66
N ASP A 134 4.95 36.02 -13.95
CA ASP A 134 6.13 36.33 -13.13
C ASP A 134 7.35 36.28 -14.03
N LYS A 135 7.81 37.46 -14.50
CA LYS A 135 8.89 37.50 -15.47
C LYS A 135 10.18 36.90 -14.89
N ASP A 136 10.44 37.12 -13.60
CA ASP A 136 11.61 36.54 -12.96
C ASP A 136 11.56 35.02 -12.99
N VAL A 137 10.44 34.44 -12.53
CA VAL A 137 10.28 33.00 -12.53
C VAL A 137 10.35 32.45 -13.95
N ALA A 138 9.69 33.11 -14.89
CA ALA A 138 9.71 32.66 -16.28
C ALA A 138 11.13 32.66 -16.84
N LYS A 139 11.92 33.70 -16.53
CA LYS A 139 13.28 33.76 -17.04
C LYS A 139 14.14 32.65 -16.45
N ARG A 140 13.92 32.30 -15.17
CA ARG A 140 14.58 31.12 -14.61
C ARG A 140 14.23 29.88 -15.41
N LEU A 141 12.97 29.74 -15.82
CA LEU A 141 12.54 28.57 -16.57
C LEU A 141 13.00 28.62 -18.02
N PHE A 142 13.20 29.82 -18.58
CA PHE A 142 13.82 29.90 -19.90
C PHE A 142 15.19 29.25 -19.88
N LEU A 143 16.00 29.60 -18.88
CA LEU A 143 17.35 29.03 -18.78
C LEU A 143 17.31 27.54 -18.54
N ALA A 144 16.37 27.07 -17.73
CA ALA A 144 16.26 25.63 -17.49
C ALA A 144 15.89 24.88 -18.76
N ALA A 145 15.17 25.53 -19.66
CA ALA A 145 14.78 24.95 -20.94
C ALA A 145 15.84 25.17 -22.03
N GLY A 146 17.02 25.66 -21.67
CA GLY A 146 18.05 25.93 -22.66
C GLY A 146 17.76 27.10 -23.56
N VAL A 147 16.89 28.03 -23.14
CA VAL A 147 16.54 29.20 -23.91
C VAL A 147 17.26 30.40 -23.29
N GLU A 148 18.14 31.04 -24.07
CA GLU A 148 18.92 32.15 -23.54
C GLU A 148 18.03 33.34 -23.20
N THR A 149 18.37 34.01 -22.11
CA THR A 149 17.67 35.20 -21.67
C THR A 149 18.68 36.12 -21.01
N ALA A 150 18.46 37.43 -21.15
CA ALA A 150 19.43 38.39 -20.63
C ALA A 150 19.55 38.28 -19.12
N SER A 151 20.76 38.52 -18.63
CA SER A 151 21.00 38.52 -17.19
C SER A 151 20.07 39.52 -16.49
N TRP A 152 19.73 39.21 -15.25
CA TRP A 152 18.82 40.08 -14.53
C TRP A 152 19.05 39.92 -13.04
N LEU A 153 18.71 40.97 -12.30
CA LEU A 153 18.68 40.98 -10.86
C LEU A 153 17.36 41.59 -10.39
N MET A 154 16.91 41.16 -9.22
CA MET A 154 15.71 41.73 -8.60
C MET A 154 16.11 42.85 -7.65
N ALA A 155 15.37 43.96 -7.72
CA ALA A 155 15.63 45.08 -6.83
C ALA A 155 15.28 44.68 -5.39
N PRO A 156 16.09 45.12 -4.40
CA PRO A 156 17.24 46.01 -4.57
C PRO A 156 18.52 45.27 -4.91
N ALA A 157 19.42 45.95 -5.61
CA ALA A 157 20.72 45.39 -5.99
C ALA A 157 21.78 46.44 -5.75
N SER A 158 22.91 46.00 -5.19
CA SER A 158 24.01 46.91 -4.89
C SER A 158 24.65 47.41 -6.17
N GLU A 159 25.47 48.47 -6.03
CA GLU A 159 26.18 49.00 -7.19
C GLU A 159 27.16 47.98 -7.74
N GLU A 160 27.77 47.19 -6.87
CA GLU A 160 28.70 46.15 -7.32
C GLU A 160 27.97 45.06 -8.09
N GLU A 161 26.82 44.61 -7.58
CA GLU A 161 26.04 43.58 -8.27
C GLU A 161 25.62 44.07 -9.66
N VAL A 162 25.09 45.28 -9.74
CA VAL A 162 24.63 45.82 -11.01
C VAL A 162 25.80 45.98 -11.98
N ARG A 163 26.96 46.42 -11.46
CA ARG A 163 28.11 46.66 -12.33
C ARG A 163 28.64 45.37 -12.94
N GLU A 164 28.87 44.35 -12.11
CA GLU A 164 29.50 43.13 -12.61
C GLU A 164 28.53 42.20 -13.33
N GLN A 165 27.25 42.22 -12.94
CA GLN A 165 26.28 41.28 -13.52
C GLN A 165 25.47 41.86 -14.67
N LEU A 166 25.17 43.16 -14.64
CA LEU A 166 24.33 43.78 -15.66
C LEU A 166 25.08 44.83 -16.47
N GLY A 167 25.65 45.84 -15.82
CA GLY A 167 26.24 46.95 -16.54
C GLY A 167 25.18 47.88 -17.09
N PHE A 168 25.65 48.96 -17.70
CA PHE A 168 24.76 49.93 -18.29
C PHE A 168 24.95 49.98 -19.80
N PRO A 169 23.86 50.17 -20.57
CA PRO A 169 22.50 50.42 -20.09
C PRO A 169 21.75 49.15 -19.66
N LEU A 170 20.82 49.31 -18.71
CA LEU A 170 19.94 48.24 -18.28
C LEU A 170 18.50 48.72 -18.35
N VAL A 171 17.57 47.79 -18.21
CA VAL A 171 16.14 48.08 -18.28
C VAL A 171 15.54 47.83 -16.90
N VAL A 172 14.86 48.84 -16.36
CA VAL A 172 14.10 48.72 -15.13
C VAL A 172 12.64 48.50 -15.51
N LYS A 173 12.02 47.48 -14.91
CA LYS A 173 10.67 47.13 -15.27
C LYS A 173 10.01 46.45 -14.08
N PRO A 174 8.68 46.55 -13.96
CA PRO A 174 7.99 45.73 -12.97
C PRO A 174 8.10 44.26 -13.33
N ASN A 175 8.08 43.41 -12.30
CA ASN A 175 8.26 41.98 -12.52
C ASN A 175 7.04 41.32 -13.13
N SER A 176 5.84 41.77 -12.78
CA SER A 176 4.63 41.10 -13.22
C SER A 176 4.16 41.66 -14.56
N GLN A 177 3.96 40.77 -15.52
CA GLN A 177 3.24 41.14 -16.73
C GLN A 177 1.82 41.57 -16.35
N GLY A 178 1.28 42.51 -17.11
CA GLY A 178 -0.06 42.99 -16.85
C GLY A 178 -0.16 44.11 -15.83
N SER A 179 0.96 44.70 -15.42
CA SER A 179 0.89 45.96 -14.69
C SER A 179 0.74 47.11 -15.70
N THR A 180 0.52 48.31 -15.16
CA THR A 180 0.42 49.51 -16.00
C THR A 180 1.73 50.28 -16.08
N VAL A 181 2.70 49.97 -15.22
CA VAL A 181 3.99 50.64 -15.26
C VAL A 181 4.78 50.17 -16.47
N GLY A 182 5.40 51.11 -17.18
CA GLY A 182 6.15 50.78 -18.36
C GLY A 182 7.61 50.46 -18.09
N LEU A 183 8.28 49.98 -19.14
CA LEU A 183 9.71 49.74 -19.10
C LEU A 183 10.46 51.06 -19.20
N SER A 184 11.60 51.14 -18.51
CA SER A 184 12.40 52.34 -18.50
C SER A 184 13.87 51.97 -18.59
N ILE A 185 14.55 52.54 -19.58
CA ILE A 185 15.98 52.28 -19.79
C ILE A 185 16.79 53.22 -18.89
N VAL A 186 17.81 52.66 -18.24
CA VAL A 186 18.66 53.39 -17.31
C VAL A 186 20.08 53.35 -17.85
N HIS A 187 20.70 54.54 -17.96
CA HIS A 187 22.01 54.66 -18.59
C HIS A 187 23.15 54.84 -17.59
N SER A 188 22.87 55.19 -16.34
CA SER A 188 23.92 55.42 -15.36
C SER A 188 23.43 55.01 -13.99
N GLN A 189 24.37 54.91 -13.05
CA GLN A 189 24.02 54.58 -11.67
C GLN A 189 23.08 55.61 -11.07
N ALA A 190 23.22 56.87 -11.45
CA ALA A 190 22.36 57.93 -10.89
C ALA A 190 20.92 57.77 -11.30
N GLU A 191 20.66 57.29 -12.52
CA GLU A 191 19.29 57.12 -12.98
C GLU A 191 18.61 55.89 -12.41
N LEU A 192 19.35 55.02 -11.72
CA LEU A 192 18.80 53.73 -11.31
C LEU A 192 17.70 53.89 -10.27
N GLN A 193 18.03 54.48 -9.12
CA GLN A 193 17.07 54.55 -8.03
C GLN A 193 15.80 55.33 -8.37
N PRO A 194 15.84 56.49 -9.03
CA PRO A 194 14.59 57.14 -9.45
C PRO A 194 13.73 56.26 -10.35
N ALA A 195 14.35 55.42 -11.19
CA ALA A 195 13.57 54.53 -12.03
C ALA A 195 12.98 53.38 -11.24
N ILE A 196 13.74 52.84 -10.28
CA ILE A 196 13.23 51.76 -9.45
C ILE A 196 12.03 52.25 -8.63
N GLU A 197 12.11 53.48 -8.11
CA GLU A 197 10.99 54.04 -7.37
C GLU A 197 9.78 54.21 -8.26
N LEU A 198 9.99 54.60 -9.51
CA LEU A 198 8.88 54.80 -10.45
C LEU A 198 8.30 53.49 -10.96
N ALA A 199 9.00 52.38 -10.80
CA ALA A 199 8.48 51.08 -11.21
C ALA A 199 7.83 50.31 -10.07
N GLY A 200 8.12 50.67 -8.82
CA GLY A 200 7.50 50.01 -7.69
C GLY A 200 6.43 50.84 -7.00
N ARG A 201 5.80 51.75 -7.74
CA ARG A 201 4.76 52.59 -7.15
C ARG A 201 3.63 51.75 -6.57
N TYR A 202 3.29 50.65 -7.24
CA TYR A 202 2.11 49.86 -6.88
C TYR A 202 2.47 48.59 -6.11
N GLY A 203 3.73 48.40 -5.74
CA GLY A 203 4.09 47.45 -4.72
C GLY A 203 4.64 46.11 -5.18
N ASP A 204 4.76 45.86 -6.47
CA ASP A 204 5.31 44.58 -6.88
C ASP A 204 6.82 44.68 -7.07
N GLU A 205 7.44 43.52 -7.30
CA GLU A 205 8.88 43.46 -7.50
C GLU A 205 9.30 44.27 -8.72
N VAL A 206 10.55 44.70 -8.70
CA VAL A 206 11.14 45.46 -9.80
C VAL A 206 12.32 44.66 -10.35
N MET A 207 12.33 44.45 -11.66
CA MET A 207 13.39 43.76 -12.36
C MET A 207 14.39 44.73 -12.95
N LEU A 208 15.68 44.39 -12.85
CA LEU A 208 16.74 45.07 -13.58
C LEU A 208 17.33 44.08 -14.58
N GLU A 209 17.05 44.29 -15.86
CA GLU A 209 17.48 43.37 -16.90
C GLU A 209 18.48 44.04 -17.82
N ARG A 210 19.58 43.33 -18.09
CA ARG A 210 20.59 43.83 -19.02
C ARG A 210 19.96 44.14 -20.37
N PHE A 211 20.27 45.31 -20.90
CA PHE A 211 19.74 45.73 -22.20
C PHE A 211 20.53 45.06 -23.32
N VAL A 212 19.79 44.57 -24.32
CA VAL A 212 20.38 43.92 -25.48
C VAL A 212 20.12 44.81 -26.68
N ALA A 213 21.19 45.39 -27.22
CA ALA A 213 21.07 46.18 -28.44
C ALA A 213 20.74 45.26 -29.62
N GLY A 214 19.84 45.72 -30.48
CA GLY A 214 19.48 44.97 -31.64
C GLY A 214 18.02 45.21 -32.00
N ARG A 215 17.33 44.14 -32.38
CA ARG A 215 15.99 44.21 -32.92
C ARG A 215 14.98 43.55 -31.99
N GLU A 216 13.72 43.92 -32.19
CA GLU A 216 12.59 43.44 -31.39
C GLU A 216 11.76 42.51 -32.25
N VAL A 217 11.72 41.23 -31.89
CA VAL A 217 10.97 40.24 -32.64
C VAL A 217 10.05 39.47 -31.69
N THR A 218 8.94 38.97 -32.23
CA THR A 218 7.93 38.30 -31.44
C THR A 218 7.36 37.13 -32.21
N VAL A 219 7.09 36.02 -31.51
CA VAL A 219 6.66 34.78 -32.14
C VAL A 219 5.36 34.31 -31.50
N GLY A 220 4.30 34.27 -32.29
CA GLY A 220 3.06 33.67 -31.86
C GLY A 220 3.07 32.16 -32.03
N VAL A 221 2.42 31.47 -31.11
CA VAL A 221 2.28 30.02 -31.16
C VAL A 221 0.80 29.69 -31.07
N LEU A 222 0.32 28.85 -31.98
CA LEU A 222 -1.06 28.36 -31.97
C LEU A 222 -1.00 26.84 -31.80
N ASP A 223 -1.48 26.37 -30.64
CA ASP A 223 -1.39 24.96 -30.26
C ASP A 223 0.06 24.49 -30.26
N ASP A 224 0.49 23.81 -31.32
CA ASP A 224 1.86 23.33 -31.44
C ASP A 224 2.55 23.90 -32.67
N GLN A 225 1.98 24.94 -33.29
CA GLN A 225 2.48 25.51 -34.53
C GLN A 225 3.03 26.89 -34.26
N ALA A 226 4.29 27.11 -34.64
CA ALA A 226 4.88 28.44 -34.58
C ALA A 226 4.40 29.27 -35.76
N LEU A 227 3.85 30.43 -35.48
CA LEU A 227 3.37 31.33 -36.51
C LEU A 227 4.53 32.15 -37.08
N PRO A 228 4.35 32.79 -38.24
CA PRO A 228 5.42 33.62 -38.79
C PRO A 228 5.93 34.65 -37.80
N VAL A 229 7.25 34.85 -37.81
CA VAL A 229 7.88 35.80 -36.90
C VAL A 229 7.50 37.22 -37.31
N GLY A 230 7.31 38.08 -36.32
CA GLY A 230 7.08 39.49 -36.55
C GLY A 230 8.22 40.32 -35.99
N GLU A 231 8.43 41.49 -36.60
CA GLU A 231 9.39 42.45 -36.08
C GLU A 231 8.68 43.75 -35.74
N ILE A 232 9.03 44.32 -34.61
CA ILE A 232 8.50 45.60 -34.15
C ILE A 232 9.58 46.65 -34.33
N LEU A 233 9.28 47.67 -35.13
CA LEU A 233 10.21 48.75 -35.42
C LEU A 233 9.89 49.92 -34.50
N LEU A 234 10.88 50.34 -33.71
CA LEU A 234 10.68 51.30 -32.64
C LEU A 234 10.93 52.72 -33.15
N GLY A 235 11.23 53.66 -32.24
CA GLY A 235 11.41 55.04 -32.60
C GLY A 235 12.76 55.62 -32.21
N GLY A 236 12.91 56.06 -30.96
CA GLY A 236 14.10 56.70 -30.48
C GLY A 236 14.94 55.81 -29.59
N GLN A 237 15.78 56.44 -28.77
CA GLN A 237 16.64 55.73 -27.83
C GLN A 237 15.79 55.26 -26.65
N GLU A 238 15.12 54.13 -26.86
CA GLU A 238 14.14 53.64 -25.91
C GLU A 238 14.03 52.12 -26.04
N VAL A 239 12.99 51.56 -25.44
CA VAL A 239 12.70 50.15 -25.50
C VAL A 239 11.23 49.99 -25.86
N PHE A 240 10.90 48.91 -26.57
CA PHE A 240 9.51 48.65 -26.88
C PHE A 240 8.80 48.08 -25.66
N ASP A 241 7.55 48.50 -25.48
CA ASP A 241 6.73 48.08 -24.35
C ASP A 241 5.48 47.40 -24.89
N TYR A 242 5.38 46.08 -24.67
CA TYR A 242 4.25 45.32 -25.18
C TYR A 242 2.93 45.69 -24.52
N GLU A 243 2.95 46.57 -23.52
CA GLU A 243 1.74 47.00 -22.83
C GLU A 243 1.52 48.50 -22.89
N HIS A 244 2.36 49.24 -23.60
CA HIS A 244 2.19 50.68 -23.77
C HIS A 244 1.32 50.96 -24.98
N LYS A 245 0.48 52.00 -24.87
CA LYS A 245 -0.50 52.28 -25.92
C LYS A 245 0.17 52.80 -27.19
N TYR A 246 1.07 53.78 -27.04
CA TYR A 246 1.82 54.39 -28.14
C TYR A 246 0.93 55.22 -29.06
N GLN A 247 1.40 56.42 -29.42
CA GLN A 247 0.69 57.23 -30.39
C GLN A 247 0.71 56.57 -31.77
N ALA A 248 -0.27 56.93 -32.59
CA ALA A 248 -0.36 56.34 -33.92
C ALA A 248 0.87 56.69 -34.76
N GLY A 249 1.36 55.72 -35.52
CA GLY A 249 2.54 55.90 -36.32
C GLY A 249 3.86 55.78 -35.57
N ALA A 250 3.82 55.52 -34.26
CA ALA A 250 5.06 55.42 -33.50
C ALA A 250 5.76 54.10 -33.75
N VAL A 251 5.02 52.99 -33.82
CA VAL A 251 5.60 51.67 -34.02
C VAL A 251 5.07 51.07 -35.31
N ARG A 252 5.91 50.32 -36.00
CA ARG A 252 5.54 49.60 -37.21
C ARG A 252 5.86 48.12 -37.02
N GLU A 253 4.93 47.27 -37.45
CA GLU A 253 5.04 45.84 -37.27
C GLU A 253 5.08 45.15 -38.63
N VAL A 254 5.99 44.20 -38.78
CA VAL A 254 6.23 43.53 -40.06
C VAL A 254 6.02 42.03 -39.86
N PHE A 255 5.05 41.46 -40.58
CA PHE A 255 4.77 40.03 -40.56
C PHE A 255 4.70 39.56 -42.01
N PRO A 256 5.57 38.63 -42.44
CA PRO A 256 6.66 38.06 -41.64
C PRO A 256 7.85 39.00 -41.56
N ALA A 257 8.58 38.96 -40.45
CA ALA A 257 9.72 39.83 -40.28
C ALA A 257 10.76 39.56 -41.36
N ASP A 258 11.44 40.63 -41.79
CA ASP A 258 12.53 40.51 -42.77
C ASP A 258 13.78 40.03 -42.02
N LEU A 259 13.84 38.71 -41.84
CA LEU A 259 14.91 38.09 -41.10
C LEU A 259 15.61 37.05 -41.96
N PRO A 260 16.90 36.81 -41.72
CA PRO A 260 17.55 35.61 -42.26
C PRO A 260 16.79 34.37 -41.82
N PRO A 261 16.54 33.43 -42.73
CA PRO A 261 15.62 32.32 -42.41
C PRO A 261 16.08 31.45 -41.25
N ALA A 262 17.39 31.25 -41.10
CA ALA A 262 17.87 30.47 -39.97
C ALA A 262 17.60 31.17 -38.64
N ILE A 263 17.60 32.51 -38.64
CA ILE A 263 17.29 33.25 -37.43
C ILE A 263 15.80 33.15 -37.11
N ALA A 264 14.95 33.41 -38.11
CA ALA A 264 13.52 33.31 -37.90
C ALA A 264 13.12 31.90 -37.48
N ALA A 265 13.70 30.88 -38.12
CA ALA A 265 13.40 29.50 -37.76
C ALA A 265 13.82 29.23 -36.31
N GLU A 266 14.95 29.78 -35.88
CA GLU A 266 15.41 29.57 -34.51
C GLU A 266 14.49 30.25 -33.51
N ALA A 267 14.03 31.46 -33.80
CA ALA A 267 13.08 32.13 -32.91
C ALA A 267 11.80 31.31 -32.78
N GLN A 268 11.36 30.69 -33.88
CA GLN A 268 10.18 29.85 -33.84
C GLN A 268 10.42 28.60 -33.02
N ARG A 269 11.60 27.99 -33.16
CA ARG A 269 11.94 26.82 -32.37
C ARG A 269 12.01 27.16 -30.88
N LEU A 270 12.58 28.32 -30.55
CA LEU A 270 12.71 28.71 -29.15
C LEU A 270 11.35 29.05 -28.55
N ALA A 271 10.47 29.65 -29.33
CA ALA A 271 9.14 29.98 -28.82
C ALA A 271 8.36 28.72 -28.46
N LEU A 272 8.48 27.67 -29.27
CA LEU A 272 7.80 26.42 -28.97
C LEU A 272 8.39 25.75 -27.74
N LYS A 273 9.71 25.82 -27.56
CA LYS A 273 10.33 25.30 -26.34
C LYS A 273 9.82 26.05 -25.12
N VAL A 274 9.73 27.38 -25.21
CA VAL A 274 9.21 28.17 -24.09
C VAL A 274 7.76 27.80 -23.80
N HIS A 275 6.94 27.75 -24.85
CA HIS A 275 5.54 27.37 -24.70
C HIS A 275 5.40 26.02 -24.01
N ARG A 276 6.23 25.04 -24.39
CA ARG A 276 6.20 23.74 -23.73
C ARG A 276 6.80 23.80 -22.34
N ALA A 277 7.88 24.57 -22.16
CA ALA A 277 8.55 24.62 -20.86
C ALA A 277 7.62 25.12 -19.77
N LEU A 278 6.86 26.18 -20.04
CA LEU A 278 5.95 26.68 -19.02
C LEU A 278 4.60 25.97 -19.04
N LYS A 279 4.47 24.89 -19.82
CA LYS A 279 3.27 24.06 -19.86
C LYS A 279 2.04 24.87 -20.24
N LEU A 280 2.21 25.74 -21.24
CA LEU A 280 1.12 26.57 -21.74
C LEU A 280 0.16 25.74 -22.59
N SER A 281 -0.98 26.33 -22.92
CA SER A 281 -1.99 25.65 -23.70
C SER A 281 -2.68 26.63 -24.63
N GLY A 282 -3.10 26.13 -25.79
CA GLY A 282 -3.89 26.92 -26.72
C GLY A 282 -3.06 27.85 -27.58
N TYR A 283 -2.53 28.91 -26.98
CA TYR A 283 -1.79 29.91 -27.74
C TYR A 283 -0.98 30.76 -26.78
N SER A 284 0.03 31.44 -27.33
CA SER A 284 0.91 32.30 -26.54
C SER A 284 1.71 33.18 -27.48
N ARG A 285 2.45 34.12 -26.90
CA ARG A 285 3.30 35.03 -27.66
C ARG A 285 4.63 35.20 -26.93
N THR A 286 5.72 34.84 -27.59
CA THR A 286 7.06 34.86 -27.01
C THR A 286 7.89 35.95 -27.66
N ASP A 287 8.50 36.81 -26.83
CA ASP A 287 9.20 38.00 -27.29
C ASP A 287 10.70 37.84 -27.08
N PHE A 288 11.48 38.28 -28.06
CA PHE A 288 12.93 38.16 -28.03
C PHE A 288 13.58 39.49 -28.40
N ARG A 289 14.83 39.65 -27.95
CA ARG A 289 15.75 40.64 -28.49
C ARG A 289 16.75 39.93 -29.37
N LEU A 290 17.01 40.48 -30.55
CA LEU A 290 17.92 39.89 -31.53
C LEU A 290 19.14 40.79 -31.65
N ASP A 291 20.30 40.32 -31.18
CA ASP A 291 21.49 41.16 -31.19
C ASP A 291 22.18 41.09 -32.55
N GLU A 292 23.25 41.89 -32.70
CA GLU A 292 23.94 42.03 -33.97
C GLU A 292 24.69 40.77 -34.39
N GLN A 293 24.85 39.80 -33.51
CA GLN A 293 25.49 38.54 -33.84
C GLN A 293 24.48 37.45 -34.20
N GLY A 294 23.20 37.80 -34.31
CA GLY A 294 22.18 36.83 -34.63
C GLY A 294 21.72 35.96 -33.49
N ARG A 295 21.91 36.39 -32.26
CA ARG A 295 21.49 35.62 -31.10
C ARG A 295 20.18 36.18 -30.53
N LEU A 296 19.26 35.26 -30.19
CA LEU A 296 17.95 35.62 -29.67
C LEU A 296 17.95 35.53 -28.15
N TRP A 297 17.51 36.59 -27.49
CA TRP A 297 17.42 36.65 -26.04
C TRP A 297 15.95 36.77 -25.64
N CYS A 298 15.45 35.78 -24.92
CA CYS A 298 14.02 35.73 -24.62
C CYS A 298 13.67 36.73 -23.52
N LEU A 299 12.63 37.53 -23.76
CA LEU A 299 12.17 38.54 -22.81
C LEU A 299 11.04 38.01 -21.93
N GLU A 300 9.98 37.51 -22.56
CA GLU A 300 8.82 37.00 -21.83
C GLU A 300 8.02 36.11 -22.77
N VAL A 301 7.10 35.36 -22.19
CA VAL A 301 6.03 34.71 -22.93
C VAL A 301 4.70 35.15 -22.33
N ASN A 302 3.74 35.46 -23.18
CA ASN A 302 2.46 35.99 -22.75
C ASN A 302 1.38 34.95 -23.03
N THR A 303 0.64 34.56 -21.99
CA THR A 303 -0.45 33.61 -22.14
C THR A 303 -1.75 34.28 -22.57
N LEU A 304 -1.81 35.60 -22.57
CA LEU A 304 -3.03 36.34 -22.90
C LEU A 304 -2.72 37.47 -23.87
N PRO A 305 -2.14 37.16 -25.03
CA PRO A 305 -1.83 38.23 -25.98
C PRO A 305 -3.10 38.81 -26.59
N GLY A 306 -3.02 40.09 -26.96
CA GLY A 306 -4.17 40.80 -27.46
C GLY A 306 -4.89 40.08 -28.58
N MET A 307 -6.22 40.08 -28.52
CA MET A 307 -7.06 39.44 -29.53
C MET A 307 -7.89 40.54 -30.19
N THR A 308 -7.23 41.39 -30.97
CA THR A 308 -7.86 42.40 -31.81
C THR A 308 -7.17 42.39 -33.16
N ALA A 309 -7.79 43.09 -34.13
CA ALA A 309 -7.23 43.13 -35.48
C ALA A 309 -5.85 43.78 -35.51
N THR A 310 -5.56 44.68 -34.57
CA THR A 310 -4.28 45.36 -34.52
C THR A 310 -3.27 44.70 -33.60
N SER A 311 -3.62 43.56 -33.00
CA SER A 311 -2.74 42.89 -32.07
C SER A 311 -1.72 42.03 -32.81
N LEU A 312 -0.71 41.56 -32.07
CA LEU A 312 0.45 40.93 -32.69
C LEU A 312 0.12 39.52 -33.19
N LEU A 313 -0.47 38.69 -32.34
CA LEU A 313 -0.75 37.31 -32.75
C LEU A 313 -1.73 37.22 -33.90
N PRO A 314 -2.83 37.99 -33.95
CA PRO A 314 -3.68 37.92 -35.16
C PRO A 314 -2.96 38.33 -36.43
N GLN A 315 -1.99 39.25 -36.35
CA GLN A 315 -1.18 39.56 -37.52
C GLN A 315 -0.29 38.37 -37.92
N ALA A 316 0.30 37.70 -36.93
CA ALA A 316 1.08 36.51 -37.21
C ALA A 316 0.21 35.43 -37.84
N ALA A 317 -0.99 35.22 -37.28
CA ALA A 317 -1.91 34.23 -37.85
C ALA A 317 -2.31 34.61 -39.27
N ALA A 318 -2.58 35.89 -39.52
CA ALA A 318 -2.97 36.32 -40.86
C ALA A 318 -1.84 36.09 -41.85
N ALA A 319 -0.60 36.32 -41.43
CA ALA A 319 0.54 36.08 -42.32
C ALA A 319 0.64 34.61 -42.71
N ALA A 320 0.11 33.71 -41.88
CA ALA A 320 0.05 32.29 -42.19
C ALA A 320 -1.27 31.90 -42.85
N GLY A 321 -2.03 32.87 -43.36
CA GLY A 321 -3.29 32.59 -43.99
C GLY A 321 -4.43 32.26 -43.05
N ILE A 322 -4.29 32.57 -41.77
CA ILE A 322 -5.31 32.27 -40.76
C ILE A 322 -6.01 33.57 -40.40
N GLY A 323 -7.25 33.73 -40.85
CA GLY A 323 -8.02 34.92 -40.53
C GLY A 323 -8.42 34.98 -39.07
N PHE A 324 -8.91 36.15 -38.65
CA PHE A 324 -9.19 36.38 -37.25
C PHE A 324 -10.30 35.47 -36.73
N ALA A 325 -11.38 35.31 -37.51
CA ALA A 325 -12.47 34.43 -37.07
C ALA A 325 -12.01 32.98 -36.95
N GLU A 326 -11.22 32.52 -37.92
CA GLU A 326 -10.68 31.16 -37.86
C GLU A 326 -9.76 30.99 -36.66
N LEU A 327 -8.96 32.01 -36.36
CA LEU A 327 -8.08 31.95 -35.19
C LEU A 327 -8.88 31.88 -33.90
N CYS A 328 -9.96 32.64 -33.81
CA CYS A 328 -10.80 32.62 -32.61
C CYS A 328 -11.49 31.27 -32.46
N GLU A 329 -11.95 30.69 -33.55
CA GLU A 329 -12.61 29.38 -33.46
C GLU A 329 -11.62 28.30 -33.07
N ARG A 330 -10.41 28.33 -33.64
CA ARG A 330 -9.41 27.31 -33.31
C ARG A 330 -9.04 27.37 -31.84
N ILE A 331 -8.87 28.58 -31.31
CA ILE A 331 -8.56 28.75 -29.89
C ILE A 331 -9.70 28.19 -29.05
N CYS A 332 -10.94 28.43 -29.46
CA CYS A 332 -12.09 27.85 -28.78
C CYS A 332 -12.01 26.33 -28.75
N ARG A 333 -11.80 25.71 -29.92
CA ARG A 333 -11.77 24.25 -29.98
C ARG A 333 -10.63 23.67 -29.17
N LEU A 334 -9.48 24.37 -29.14
CA LEU A 334 -8.37 23.89 -28.32
C LEU A 334 -8.73 23.88 -26.84
N GLY A 335 -9.45 24.91 -26.39
CA GLY A 335 -9.89 24.93 -25.00
C GLY A 335 -10.90 23.83 -24.70
N ILE A 336 -11.79 23.54 -25.65
CA ILE A 336 -12.75 22.46 -25.46
C ILE A 336 -12.05 21.12 -25.39
N GLU A 337 -11.10 20.89 -26.30
CA GLU A 337 -10.37 19.63 -26.32
C GLU A 337 -9.61 19.41 -25.01
N ARG A 338 -9.02 20.47 -24.46
CA ARG A 338 -8.28 20.31 -23.21
C ARG A 338 -9.21 19.97 -22.06
N CYS A 339 -10.40 20.57 -22.03
CA CYS A 339 -11.37 20.25 -20.97
C CYS A 339 -11.87 18.82 -21.06
N LYS A 340 -12.15 18.35 -22.28
CA LYS A 340 -12.60 16.97 -22.44
C LYS A 340 -11.53 15.98 -22.01
N GLY A 341 -10.26 16.35 -22.15
CA GLY A 341 -9.17 15.50 -21.71
C GLY A 341 -8.77 15.65 -20.26
N ALA A 342 -9.55 16.38 -19.45
CA ALA A 342 -9.17 16.60 -18.07
C ALA A 342 -9.27 15.31 -17.27
N ARG A 343 -8.58 15.29 -16.12
CA ARG A 343 -8.37 14.10 -15.33
C ARG A 343 -9.62 13.61 -14.60
N LYS A 344 -9.98 14.27 -13.49
CA LYS A 344 -11.17 13.92 -12.67
C LYS A 344 -11.18 14.65 -11.33
N GLN B 4 14.86 -21.23 40.79
CA GLN B 4 13.75 -21.93 40.18
C GLN B 4 12.62 -22.15 41.18
N ASP B 5 11.56 -21.35 41.06
CA ASP B 5 10.42 -21.44 41.95
C ASP B 5 9.55 -22.64 41.60
N LYS B 6 8.79 -23.10 42.59
CA LYS B 6 7.93 -24.26 42.40
C LYS B 6 6.74 -23.90 41.52
N LEU B 7 6.19 -24.93 40.88
CA LEU B 7 5.06 -24.77 39.97
C LEU B 7 3.82 -25.47 40.53
N LYS B 8 2.67 -25.13 39.94
CA LYS B 8 1.42 -25.83 40.19
C LYS B 8 1.06 -26.56 38.90
N VAL B 9 1.07 -27.89 38.96
CA VAL B 9 0.92 -28.72 37.77
C VAL B 9 -0.36 -29.53 37.88
N ALA B 10 -1.08 -29.63 36.77
CA ALA B 10 -2.22 -30.54 36.65
C ALA B 10 -1.78 -31.68 35.74
N VAL B 11 -1.74 -32.89 36.27
CA VAL B 11 -1.30 -34.05 35.53
C VAL B 11 -2.52 -34.70 34.89
N LEU B 12 -2.64 -34.55 33.58
CA LEU B 12 -3.80 -35.02 32.84
C LEU B 12 -3.55 -36.45 32.34
N PHE B 13 -4.48 -37.35 32.65
CA PHE B 13 -4.33 -38.76 32.30
C PHE B 13 -5.71 -39.32 31.95
N GLY B 14 -5.73 -40.59 31.53
CA GLY B 14 -6.97 -41.26 31.24
C GLY B 14 -7.09 -41.70 29.79
N GLY B 15 -7.92 -40.99 29.02
CA GLY B 15 -8.11 -41.31 27.62
C GLY B 15 -9.18 -42.37 27.40
N SER B 16 -9.11 -43.00 26.24
CA SER B 16 -10.06 -44.03 25.87
C SER B 16 -9.80 -45.31 26.66
N SER B 17 -10.58 -46.35 26.35
CA SER B 17 -10.52 -47.59 27.13
C SER B 17 -9.21 -48.33 26.88
N GLU B 18 -8.77 -48.41 25.62
CA GLU B 18 -7.56 -49.15 25.29
C GLU B 18 -6.29 -48.43 25.76
N GLU B 19 -6.40 -47.17 26.18
CA GLU B 19 -5.26 -46.38 26.64
C GLU B 19 -5.22 -46.22 28.16
N ARG B 20 -6.22 -46.77 28.86
CA ARG B 20 -6.46 -46.40 30.25
C ARG B 20 -5.33 -46.90 31.17
N ASP B 21 -4.99 -48.19 31.07
CA ASP B 21 -4.04 -48.78 32.01
C ASP B 21 -2.66 -48.15 31.87
N VAL B 22 -2.17 -48.03 30.63
CA VAL B 22 -0.84 -47.47 30.40
C VAL B 22 -0.80 -46.00 30.83
N SER B 23 -1.89 -45.27 30.60
CA SER B 23 -1.92 -43.85 30.95
C SER B 23 -2.00 -43.64 32.45
N ILE B 24 -2.75 -44.49 33.15
CA ILE B 24 -2.88 -44.34 34.61
C ILE B 24 -1.56 -44.68 35.29
N ALA B 25 -0.88 -45.73 34.83
CA ALA B 25 0.42 -46.09 35.40
C ALA B 25 1.41 -44.95 35.23
N SER B 26 1.41 -44.29 34.08
CA SER B 26 2.30 -43.15 33.87
C SER B 26 1.88 -41.96 34.73
N GLY B 27 0.58 -41.66 34.77
CA GLY B 27 0.11 -40.50 35.52
C GLY B 27 0.43 -40.59 37.00
N ALA B 28 0.33 -41.79 37.58
CA ALA B 28 0.66 -41.96 38.99
C ALA B 28 2.13 -41.66 39.25
N GLN B 29 3.01 -42.21 38.41
CA GLN B 29 4.44 -41.98 38.60
C GLN B 29 4.83 -40.52 38.34
N VAL B 30 4.15 -39.85 37.42
CA VAL B 30 4.45 -38.45 37.17
C VAL B 30 3.98 -37.58 38.33
N ILE B 31 2.83 -37.92 38.91
CA ILE B 31 2.33 -37.16 40.06
C ILE B 31 3.32 -37.26 41.22
N GLN B 32 3.82 -38.46 41.50
CA GLN B 32 4.75 -38.62 42.62
C GLN B 32 6.09 -37.95 42.33
N ALA B 33 6.59 -38.08 41.09
CA ALA B 33 7.87 -37.47 40.76
C ALA B 33 7.82 -35.95 40.87
N LEU B 34 6.71 -35.35 40.44
CA LEU B 34 6.59 -33.90 40.51
C LEU B 34 6.42 -33.43 41.95
N ARG B 35 5.65 -34.18 42.75
CA ARG B 35 5.51 -33.84 44.16
C ARG B 35 6.83 -33.96 44.90
N SER B 36 7.61 -34.99 44.58
CA SER B 36 8.94 -35.15 45.18
C SER B 36 9.84 -33.98 44.83
N ALA B 37 9.61 -33.32 43.68
CA ALA B 37 10.36 -32.14 43.30
C ALA B 37 9.87 -30.87 43.98
N GLY B 38 8.84 -30.96 44.82
CA GLY B 38 8.37 -29.83 45.59
C GLY B 38 7.20 -29.07 45.00
N HIS B 39 6.67 -29.52 43.87
CA HIS B 39 5.59 -28.79 43.19
C HIS B 39 4.23 -29.22 43.72
N GLN B 40 3.26 -28.32 43.58
CA GLN B 40 1.87 -28.65 43.88
C GLN B 40 1.26 -29.35 42.67
N VAL B 41 0.78 -30.57 42.86
CA VAL B 41 0.30 -31.40 41.77
C VAL B 41 -1.16 -31.72 41.99
N LEU B 42 -1.96 -31.55 40.94
CA LEU B 42 -3.36 -31.95 40.92
C LEU B 42 -3.55 -33.03 39.87
N ALA B 43 -4.37 -34.02 40.20
CA ALA B 43 -4.68 -35.12 39.29
C ALA B 43 -5.97 -34.80 38.54
N VAL B 44 -5.92 -34.87 37.21
CA VAL B 44 -7.06 -34.59 36.35
C VAL B 44 -7.23 -35.78 35.41
N ASP B 45 -8.41 -36.37 35.41
CA ASP B 45 -8.76 -37.47 34.52
C ASP B 45 -9.59 -36.93 33.35
N THR B 46 -9.46 -37.60 32.20
CA THR B 46 -10.18 -37.17 31.01
C THR B 46 -11.68 -37.38 31.12
N ALA B 47 -12.14 -38.20 32.07
CA ALA B 47 -13.55 -38.54 32.18
C ALA B 47 -14.18 -38.08 33.49
N SER B 48 -13.58 -37.11 34.17
CA SER B 48 -14.14 -36.62 35.43
C SER B 48 -13.63 -35.22 35.77
N GLY B 49 -12.40 -34.91 35.37
CA GLY B 49 -11.80 -33.65 35.74
C GLY B 49 -10.91 -33.77 36.96
N LEU B 50 -10.92 -32.74 37.82
CA LEU B 50 -10.12 -32.77 39.03
C LEU B 50 -10.56 -33.92 39.93
N LEU B 51 -9.58 -34.67 40.44
CA LEU B 51 -9.84 -35.83 41.27
C LEU B 51 -10.03 -35.41 42.72
N GLY B 52 -10.93 -36.10 43.42
CA GLY B 52 -11.17 -35.85 44.83
C GLY B 52 -10.07 -36.41 45.70
N ALA B 53 -10.22 -36.19 47.00
CA ALA B 53 -9.24 -36.68 47.97
C ALA B 53 -9.19 -38.21 47.96
N GLU B 54 -10.35 -38.85 48.09
CA GLU B 54 -10.40 -40.31 48.08
C GLU B 54 -10.08 -40.87 46.70
N GLU B 55 -10.42 -40.14 45.64
CA GLU B 55 -10.14 -40.61 44.29
C GLU B 55 -8.64 -40.62 44.00
N GLU B 56 -7.95 -39.54 44.38
CA GLU B 56 -6.50 -39.49 44.16
C GLU B 56 -5.77 -40.55 44.97
N ARG B 57 -6.29 -40.88 46.16
CA ARG B 57 -5.66 -41.90 46.98
C ARG B 57 -5.72 -43.26 46.30
N ARG B 58 -6.89 -43.65 45.78
CA ARG B 58 -7.00 -44.92 45.08
C ARG B 58 -6.18 -44.91 43.79
N LEU B 59 -5.94 -43.73 43.21
CA LEU B 59 -5.14 -43.64 41.99
C LEU B 59 -3.68 -43.98 42.27
N LEU B 60 -3.07 -43.30 43.24
CA LEU B 60 -1.65 -43.49 43.49
C LEU B 60 -1.36 -44.83 44.17
N ALA B 61 -2.33 -45.37 44.91
CA ALA B 61 -2.06 -46.56 45.70
C ALA B 61 -2.19 -47.84 44.86
N SER B 62 -3.17 -47.89 43.95
CA SER B 62 -3.43 -49.11 43.21
C SER B 62 -3.58 -48.91 41.70
N LYS B 63 -3.34 -47.71 41.18
CA LYS B 63 -3.41 -47.41 39.75
C LYS B 63 -4.76 -47.82 39.17
N VAL B 64 -5.82 -47.23 39.72
CA VAL B 64 -7.18 -47.61 39.35
C VAL B 64 -8.06 -46.37 39.37
N LYS B 65 -8.84 -46.17 38.31
CA LYS B 65 -9.95 -45.21 38.32
C LYS B 65 -10.90 -45.63 37.20
N GLU B 66 -11.83 -46.53 37.52
CA GLU B 66 -12.79 -47.00 36.55
C GLU B 66 -13.75 -45.89 36.15
N VAL B 67 -14.20 -45.94 34.91
CA VAL B 67 -15.19 -44.99 34.38
C VAL B 67 -16.46 -45.76 34.09
N PRO B 68 -17.63 -45.33 34.59
CA PRO B 68 -18.91 -45.99 34.34
C PRO B 68 -19.35 -45.87 32.89
N SER B 73 -17.17 -40.82 29.39
CA SER B 73 -16.59 -40.67 28.06
C SER B 73 -15.24 -39.95 28.11
N LEU B 74 -15.21 -38.72 27.58
CA LEU B 74 -14.04 -37.85 27.60
C LEU B 74 -14.55 -36.44 27.89
N ALA B 75 -14.85 -36.19 29.17
CA ALA B 75 -15.63 -35.02 29.56
C ALA B 75 -14.94 -33.72 29.17
N ILE B 76 -13.67 -33.58 29.53
CA ILE B 76 -12.97 -32.30 29.38
C ILE B 76 -12.99 -31.83 27.93
N ILE B 77 -12.84 -32.76 26.98
CA ILE B 77 -12.76 -32.38 25.57
C ILE B 77 -14.12 -32.09 24.96
N ARG B 78 -15.20 -32.21 25.72
CA ARG B 78 -16.53 -31.90 25.21
C ARG B 78 -16.84 -30.42 25.39
N LEU B 85 -12.32 -27.48 33.72
CA LEU B 85 -10.93 -27.50 33.31
C LEU B 85 -10.16 -26.32 33.92
N SER B 86 -10.90 -25.30 34.35
CA SER B 86 -10.31 -24.16 35.03
C SER B 86 -10.96 -23.84 36.36
N ALA B 87 -12.11 -24.44 36.69
CA ALA B 87 -12.79 -24.19 37.93
C ALA B 87 -12.13 -24.96 39.07
N GLY B 88 -12.48 -24.59 40.30
CA GLY B 88 -11.91 -25.26 41.46
C GLY B 88 -10.44 -24.92 41.64
N GLU B 89 -9.67 -25.91 42.09
CA GLU B 89 -8.25 -25.72 42.33
C GLU B 89 -7.45 -25.57 41.05
N LEU B 90 -8.04 -25.86 39.89
CA LEU B 90 -7.31 -25.75 38.63
C LEU B 90 -7.01 -24.30 38.26
N ALA B 91 -7.59 -23.33 38.96
CA ALA B 91 -7.28 -21.93 38.72
C ALA B 91 -5.85 -21.64 39.18
N GLY B 92 -5.01 -21.17 38.25
CA GLY B 92 -3.63 -20.90 38.56
C GLY B 92 -2.67 -22.02 38.21
N VAL B 93 -3.15 -23.09 37.58
CA VAL B 93 -2.27 -24.17 37.16
C VAL B 93 -1.30 -23.64 36.11
N ASP B 94 0.00 -23.86 36.33
CA ASP B 94 1.01 -23.32 35.43
C ASP B 94 1.12 -24.13 34.14
N VAL B 95 0.89 -25.43 34.19
CA VAL B 95 1.06 -26.28 33.03
C VAL B 95 0.27 -27.57 33.25
N PHE B 96 -0.28 -28.09 32.16
CA PHE B 96 -0.96 -29.39 32.15
C PHE B 96 0.02 -30.43 31.64
N PHE B 97 0.45 -31.33 32.52
CA PHE B 97 1.28 -32.45 32.09
C PHE B 97 0.38 -33.50 31.45
N LEU B 98 0.63 -33.79 30.17
CA LEU B 98 -0.19 -34.75 29.43
C LEU B 98 0.42 -36.14 29.63
N ALA B 99 -0.05 -36.84 30.65
CA ALA B 99 0.37 -38.22 30.91
C ALA B 99 -0.57 -39.21 30.24
N LEU B 100 -0.80 -39.02 28.95
CA LEU B 100 -1.72 -39.82 28.18
C LEU B 100 -0.97 -40.78 27.27
N HIS B 101 -1.73 -41.71 26.68
CA HIS B 101 -1.20 -42.66 25.73
C HIS B 101 -2.18 -42.80 24.57
N GLY B 102 -1.66 -43.08 23.38
CA GLY B 102 -2.51 -43.36 22.25
C GLY B 102 -3.15 -42.10 21.67
N GLY B 103 -4.30 -42.31 21.02
CA GLY B 103 -4.91 -41.25 20.22
C GLY B 103 -5.38 -40.06 21.01
N THR B 104 -5.79 -40.26 22.27
CA THR B 104 -6.32 -39.16 23.06
C THR B 104 -5.31 -38.03 23.21
N GLY B 105 -4.02 -38.37 23.27
CA GLY B 105 -2.99 -37.36 23.43
C GLY B 105 -2.21 -37.09 22.16
N GLU B 106 -2.33 -37.97 21.17
CA GLU B 106 -1.54 -37.87 19.95
C GLU B 106 -2.27 -37.20 18.79
N ASP B 107 -3.61 -37.27 18.73
CA ASP B 107 -4.31 -36.79 17.54
C ASP B 107 -4.35 -35.27 17.45
N GLY B 108 -4.07 -34.57 18.55
CA GLY B 108 -3.96 -33.13 18.56
C GLY B 108 -5.19 -32.41 19.06
N THR B 109 -6.33 -33.08 19.18
CA THR B 109 -7.55 -32.42 19.62
C THR B 109 -7.38 -31.77 20.99
N LEU B 110 -6.75 -32.49 21.92
CA LEU B 110 -6.62 -31.97 23.28
C LEU B 110 -5.69 -30.77 23.32
N GLN B 111 -4.55 -30.83 22.61
CA GLN B 111 -3.64 -29.69 22.58
C GLN B 111 -4.31 -28.48 21.95
N ALA B 112 -5.15 -28.69 20.94
CA ALA B 112 -5.87 -27.58 20.31
C ALA B 112 -6.87 -26.96 21.28
N LEU B 113 -7.58 -27.79 22.05
CA LEU B 113 -8.50 -27.26 23.05
C LEU B 113 -7.76 -26.46 24.11
N LEU B 114 -6.62 -26.97 24.59
CA LEU B 114 -5.83 -26.23 25.57
C LEU B 114 -5.26 -24.95 24.98
N ASP B 115 -4.82 -25.00 23.72
CA ASP B 115 -4.33 -23.80 23.06
C ASP B 115 -5.43 -22.74 22.95
N ALA B 116 -6.67 -23.19 22.70
CA ALA B 116 -7.78 -22.25 22.62
C ALA B 116 -8.15 -21.68 23.98
N GLY B 117 -7.92 -22.44 25.04
CA GLY B 117 -8.14 -21.97 26.39
C GLY B 117 -6.97 -21.26 27.02
N GLY B 118 -5.87 -21.08 26.28
CA GLY B 118 -4.69 -20.45 26.84
C GLY B 118 -3.92 -21.28 27.84
N PHE B 119 -4.30 -22.55 28.02
CA PHE B 119 -3.65 -23.40 29.02
C PHE B 119 -2.34 -23.94 28.48
N ALA B 120 -1.26 -23.74 29.23
CA ALA B 120 0.02 -24.33 28.87
C ALA B 120 -0.01 -25.85 29.11
N TYR B 121 0.72 -26.58 28.26
CA TYR B 121 0.76 -28.03 28.37
C TYR B 121 2.13 -28.52 27.95
N THR B 122 2.36 -29.80 28.19
CA THR B 122 3.65 -30.42 27.87
C THR B 122 3.61 -31.05 26.48
N GLY B 123 4.76 -31.04 25.82
CA GLY B 123 4.91 -31.77 24.58
C GLY B 123 4.56 -30.95 23.35
N SER B 124 4.40 -31.67 22.24
CA SER B 124 4.20 -31.07 20.94
C SER B 124 2.79 -30.49 20.80
N GLY B 125 2.67 -29.53 19.89
CA GLY B 125 1.40 -28.92 19.60
C GLY B 125 0.50 -29.84 18.79
N HIS B 126 -0.67 -29.32 18.43
CA HIS B 126 -1.67 -30.18 17.81
C HIS B 126 -1.31 -30.53 16.37
N LEU B 127 -0.72 -29.59 15.63
CA LEU B 127 -0.28 -29.91 14.27
C LEU B 127 0.86 -30.91 14.28
N ALA B 128 1.89 -30.64 15.10
CA ALA B 128 3.01 -31.57 15.21
C ALA B 128 2.55 -32.95 15.68
N SER B 129 1.67 -32.99 16.68
CA SER B 129 1.18 -34.28 17.19
C SER B 129 0.40 -35.03 16.12
N ALA B 130 -0.50 -34.34 15.42
CA ALA B 130 -1.32 -35.00 14.40
C ALA B 130 -0.46 -35.51 13.25
N MET B 131 0.56 -34.75 12.85
CA MET B 131 1.45 -35.21 11.79
C MET B 131 2.23 -36.45 12.22
N ALA B 132 2.74 -36.46 13.45
CA ALA B 132 3.53 -37.60 13.91
C ALA B 132 2.68 -38.86 14.06
N MET B 133 1.40 -38.69 14.42
CA MET B 133 0.50 -39.85 14.52
C MET B 133 0.23 -40.47 13.16
N ASP B 134 0.23 -39.68 12.09
CA ASP B 134 0.02 -40.18 10.73
C ASP B 134 1.36 -40.71 10.23
N LYS B 135 1.55 -42.03 10.40
CA LYS B 135 2.83 -42.63 10.06
C LYS B 135 3.16 -42.45 8.58
N ASP B 136 2.15 -42.49 7.72
CA ASP B 136 2.36 -42.24 6.30
C ASP B 136 2.88 -40.83 6.07
N VAL B 137 2.15 -39.83 6.58
CA VAL B 137 2.55 -38.44 6.40
C VAL B 137 3.91 -38.18 7.06
N ALA B 138 4.13 -38.77 8.23
CA ALA B 138 5.41 -38.58 8.91
C ALA B 138 6.57 -39.13 8.09
N LYS B 139 6.36 -40.27 7.42
CA LYS B 139 7.42 -40.84 6.59
C LYS B 139 7.68 -40.00 5.35
N ARG B 140 6.65 -39.34 4.82
CA ARG B 140 6.87 -38.35 3.77
C ARG B 140 7.80 -37.25 4.25
N LEU B 141 7.57 -36.76 5.48
CA LEU B 141 8.39 -35.69 6.02
C LEU B 141 9.78 -36.19 6.42
N PHE B 142 9.90 -37.47 6.79
CA PHE B 142 11.23 -38.03 7.00
C PHE B 142 12.08 -37.88 5.73
N LEU B 143 11.53 -38.29 4.59
CA LEU B 143 12.26 -38.20 3.34
C LEU B 143 12.55 -36.76 2.94
N ALA B 144 11.61 -35.86 3.20
CA ALA B 144 11.83 -34.45 2.87
C ALA B 144 12.95 -33.84 3.70
N ALA B 145 13.13 -34.32 4.93
CA ALA B 145 14.19 -33.83 5.80
C ALA B 145 15.51 -34.57 5.61
N GLY B 146 15.62 -35.41 4.58
CA GLY B 146 16.82 -36.18 4.38
C GLY B 146 16.99 -37.35 5.33
N VAL B 147 15.91 -37.78 5.96
CA VAL B 147 15.94 -38.91 6.90
C VAL B 147 15.42 -40.13 6.18
N GLU B 148 16.28 -41.13 6.01
CA GLU B 148 15.92 -42.31 5.24
C GLU B 148 14.85 -43.12 5.98
N THR B 149 13.88 -43.63 5.23
CA THR B 149 12.83 -44.47 5.77
C THR B 149 12.50 -45.53 4.74
N ALA B 150 11.95 -46.64 5.21
CA ALA B 150 11.66 -47.77 4.34
C ALA B 150 10.52 -47.43 3.37
N SER B 151 10.62 -47.99 2.17
CA SER B 151 9.58 -47.79 1.17
C SER B 151 8.25 -48.33 1.66
N TRP B 152 7.17 -47.67 1.27
CA TRP B 152 5.85 -48.04 1.77
C TRP B 152 4.78 -47.68 0.75
N LEU B 153 3.66 -48.39 0.87
CA LEU B 153 2.46 -48.09 0.10
C LEU B 153 1.26 -48.15 1.05
N MET B 154 0.25 -47.34 0.76
CA MET B 154 -0.99 -47.38 1.52
C MET B 154 -1.97 -48.32 0.83
N ALA B 155 -2.67 -49.11 1.63
CA ALA B 155 -3.65 -50.03 1.08
C ALA B 155 -4.82 -49.26 0.44
N PRO B 156 -5.37 -49.76 -0.68
CA PRO B 156 -4.94 -50.99 -1.34
C PRO B 156 -3.86 -50.76 -2.39
N ALA B 157 -3.03 -51.79 -2.61
CA ALA B 157 -2.03 -51.81 -3.66
C ALA B 157 -2.24 -53.06 -4.52
N SER B 158 -1.60 -53.07 -5.69
CA SER B 158 -1.76 -54.16 -6.64
C SER B 158 -0.88 -55.34 -6.26
N GLU B 159 -0.44 -56.11 -7.26
CA GLU B 159 0.66 -57.05 -7.11
C GLU B 159 1.96 -56.52 -7.67
N GLU B 160 1.88 -55.84 -8.82
CA GLU B 160 3.07 -55.24 -9.43
C GLU B 160 3.64 -54.13 -8.55
N GLU B 161 2.77 -53.36 -7.89
CA GLU B 161 3.24 -52.31 -6.99
C GLU B 161 3.92 -52.91 -5.77
N VAL B 162 3.28 -53.89 -5.13
CA VAL B 162 3.87 -54.53 -3.97
C VAL B 162 5.16 -55.26 -4.34
N ARG B 163 5.20 -55.86 -5.52
CA ARG B 163 6.39 -56.60 -5.93
C ARG B 163 7.53 -55.65 -6.30
N GLU B 164 7.25 -54.63 -7.10
CA GLU B 164 8.32 -53.77 -7.60
C GLU B 164 8.82 -52.81 -6.53
N GLN B 165 7.94 -52.33 -5.66
CA GLN B 165 8.30 -51.29 -4.71
C GLN B 165 8.59 -51.82 -3.32
N LEU B 166 7.88 -52.85 -2.87
CA LEU B 166 8.02 -53.35 -1.50
C LEU B 166 8.77 -54.67 -1.46
N GLY B 167 8.23 -55.72 -2.07
CA GLY B 167 8.79 -57.05 -1.94
C GLY B 167 8.47 -57.66 -0.59
N PHE B 168 8.85 -58.92 -0.44
CA PHE B 168 8.53 -59.65 0.78
C PHE B 168 9.81 -60.05 1.51
N PRO B 169 9.80 -60.05 2.85
CA PRO B 169 8.63 -59.75 3.69
C PRO B 169 8.32 -58.26 3.81
N LEU B 170 7.07 -57.95 4.10
CA LEU B 170 6.62 -56.59 4.35
C LEU B 170 5.79 -56.58 5.62
N VAL B 171 5.56 -55.37 6.15
CA VAL B 171 4.80 -55.18 7.38
C VAL B 171 3.48 -54.53 7.04
N VAL B 172 2.39 -55.13 7.51
CA VAL B 172 1.05 -54.55 7.41
C VAL B 172 0.69 -53.99 8.77
N LYS B 173 0.46 -52.68 8.84
CA LYS B 173 0.21 -52.01 10.10
C LYS B 173 -0.82 -50.92 9.91
N PRO B 174 -1.66 -50.68 10.91
CA PRO B 174 -2.53 -49.50 10.87
C PRO B 174 -1.69 -48.22 10.85
N ASN B 175 -2.18 -47.24 10.10
CA ASN B 175 -1.40 -46.02 9.89
C ASN B 175 -1.28 -45.21 11.18
N SER B 176 -2.26 -45.30 12.07
CA SER B 176 -2.21 -44.54 13.32
C SER B 176 -1.51 -45.34 14.41
N GLY B 182 -2.71 -54.30 15.74
CA GLY B 182 -3.13 -54.88 14.48
C GLY B 182 -2.00 -55.05 13.48
N LEU B 183 -0.79 -55.23 13.98
CA LEU B 183 0.38 -55.41 13.14
C LEU B 183 0.59 -56.90 12.82
N SER B 184 1.10 -57.15 11.62
CA SER B 184 1.38 -58.52 11.20
C SER B 184 2.42 -58.51 10.09
N ILE B 185 3.33 -59.48 10.13
CA ILE B 185 4.39 -59.60 9.14
C ILE B 185 3.89 -60.46 7.99
N VAL B 186 4.02 -59.96 6.77
CA VAL B 186 3.54 -60.62 5.57
C VAL B 186 4.73 -61.18 4.81
N HIS B 187 4.74 -62.49 4.60
CA HIS B 187 5.85 -63.15 3.91
C HIS B 187 5.51 -63.50 2.46
N SER B 188 4.24 -63.49 2.08
CA SER B 188 3.84 -63.82 0.72
C SER B 188 2.54 -63.11 0.39
N GLN B 189 2.20 -63.09 -0.90
CA GLN B 189 0.99 -62.40 -1.35
C GLN B 189 -0.27 -63.03 -0.76
N ALA B 190 -0.23 -64.33 -0.44
CA ALA B 190 -1.41 -65.02 0.06
C ALA B 190 -1.89 -64.45 1.38
N GLU B 191 -0.99 -64.02 2.24
CA GLU B 191 -1.35 -63.47 3.54
C GLU B 191 -1.39 -61.95 3.56
N LEU B 192 -1.57 -61.32 2.40
CA LEU B 192 -1.64 -59.86 2.34
C LEU B 192 -3.02 -59.35 2.72
N GLN B 193 -4.05 -59.76 1.99
CA GLN B 193 -5.40 -59.28 2.27
C GLN B 193 -5.89 -59.65 3.67
N PRO B 194 -5.67 -60.85 4.20
CA PRO B 194 -6.04 -61.10 5.60
C PRO B 194 -5.32 -60.18 6.57
N ALA B 195 -4.08 -59.79 6.28
CA ALA B 195 -3.38 -58.84 7.14
C ALA B 195 -3.93 -57.43 6.95
N ILE B 196 -4.26 -57.07 5.71
CA ILE B 196 -4.83 -55.75 5.44
C ILE B 196 -6.18 -55.59 6.13
N GLU B 197 -7.00 -56.64 6.10
CA GLU B 197 -8.29 -56.56 6.77
C GLU B 197 -8.14 -56.59 8.29
N LEU B 198 -7.12 -57.27 8.80
CA LEU B 198 -6.87 -57.26 10.24
C LEU B 198 -6.45 -55.87 10.71
N ALA B 199 -5.54 -55.23 9.99
CA ALA B 199 -5.09 -53.90 10.37
C ALA B 199 -6.19 -52.86 10.18
N GLY B 200 -7.02 -53.03 9.15
CA GLY B 200 -8.11 -52.11 8.89
C GLY B 200 -9.38 -52.35 9.69
N ARG B 201 -9.34 -53.22 10.68
CA ARG B 201 -10.53 -53.55 11.45
C ARG B 201 -10.86 -52.45 12.47
N TYR B 202 -10.93 -51.21 11.99
CA TYR B 202 -11.26 -50.06 12.84
C TYR B 202 -11.52 -48.83 11.98
N GLY B 203 -11.51 -49.00 10.66
CA GLY B 203 -11.66 -47.89 9.74
C GLY B 203 -10.40 -47.10 9.50
N ASP B 204 -9.26 -47.53 10.04
CA ASP B 204 -8.01 -46.82 9.89
C ASP B 204 -7.39 -47.10 8.52
N GLU B 205 -6.51 -46.19 8.10
CA GLU B 205 -5.68 -46.43 6.94
C GLU B 205 -4.70 -47.57 7.25
N VAL B 206 -4.35 -48.32 6.21
CA VAL B 206 -3.47 -49.47 6.34
C VAL B 206 -2.19 -49.19 5.56
N MET B 207 -1.05 -49.33 6.22
CA MET B 207 0.24 -49.13 5.59
C MET B 207 0.89 -50.48 5.30
N LEU B 208 1.47 -50.60 4.11
CA LEU B 208 2.28 -51.75 3.73
C LEU B 208 3.71 -51.25 3.60
N GLU B 209 4.56 -51.64 4.54
CA GLU B 209 5.92 -51.13 4.65
C GLU B 209 6.92 -52.26 4.43
N ARG B 210 8.00 -51.95 3.69
CA ARG B 210 9.05 -52.92 3.47
C ARG B 210 9.74 -53.27 4.79
N PHE B 211 9.85 -54.56 5.06
CA PHE B 211 10.50 -55.02 6.29
C PHE B 211 12.00 -54.87 6.18
N VAL B 212 12.62 -54.30 7.21
CA VAL B 212 14.07 -54.15 7.28
C VAL B 212 14.56 -55.03 8.43
N ALA B 213 15.25 -56.12 8.08
CA ALA B 213 15.80 -57.00 9.09
C ALA B 213 17.00 -56.33 9.77
N GLY B 214 17.08 -56.48 11.09
CA GLY B 214 18.18 -55.88 11.81
C GLY B 214 17.81 -55.65 13.27
N ARG B 215 18.47 -54.66 13.86
CA ARG B 215 18.34 -54.35 15.29
C ARG B 215 17.39 -53.18 15.50
N GLU B 216 16.68 -53.23 16.62
CA GLU B 216 15.72 -52.19 17.00
C GLU B 216 16.45 -51.14 17.84
N VAL B 217 16.38 -49.89 17.39
CA VAL B 217 17.12 -48.79 18.00
C VAL B 217 16.17 -47.61 18.16
N THR B 218 16.21 -46.97 19.34
CA THR B 218 15.35 -45.83 19.62
C THR B 218 16.20 -44.69 20.18
N VAL B 219 15.76 -43.46 19.90
CA VAL B 219 16.49 -42.25 20.28
C VAL B 219 15.51 -41.27 20.91
N GLY B 220 15.76 -40.88 22.16
CA GLY B 220 14.99 -39.85 22.80
C GLY B 220 15.59 -38.47 22.61
N VAL B 221 14.72 -37.47 22.54
CA VAL B 221 15.12 -36.07 22.43
C VAL B 221 14.46 -35.28 23.55
N LEU B 222 15.22 -34.42 24.20
CA LEU B 222 14.72 -33.53 25.24
C LEU B 222 15.10 -32.11 24.89
N ASP B 223 14.09 -31.27 24.62
CA ASP B 223 14.29 -29.93 24.09
C ASP B 223 15.06 -29.99 22.78
N ASP B 224 16.33 -29.57 22.80
CA ASP B 224 17.18 -29.61 21.63
C ASP B 224 18.26 -30.69 21.71
N GLN B 225 18.31 -31.44 22.80
CA GLN B 225 19.40 -32.37 23.08
C GLN B 225 18.97 -33.79 22.75
N ALA B 226 19.81 -34.50 22.02
CA ALA B 226 19.61 -35.92 21.79
C ALA B 226 20.14 -36.72 22.99
N LEU B 227 19.34 -37.66 23.47
CA LEU B 227 19.70 -38.50 24.60
C LEU B 227 20.44 -39.74 24.14
N PRO B 228 21.13 -40.43 25.05
CA PRO B 228 21.84 -41.65 24.66
C PRO B 228 20.93 -42.67 23.96
N VAL B 229 21.48 -43.32 22.94
CA VAL B 229 20.70 -44.25 22.13
C VAL B 229 20.42 -45.51 22.93
N GLY B 230 19.22 -46.06 22.77
CA GLY B 230 18.88 -47.33 23.36
C GLY B 230 18.58 -48.39 22.32
N GLU B 231 18.66 -49.66 22.70
CA GLU B 231 18.36 -50.76 21.81
C GLU B 231 17.31 -51.66 22.45
N ILE B 232 16.32 -52.06 21.66
CA ILE B 232 15.32 -53.04 22.08
C ILE B 232 15.69 -54.39 21.49
N LEU B 233 15.97 -55.37 22.35
CA LEU B 233 16.41 -56.68 21.90
C LEU B 233 15.24 -57.59 21.60
N VAL B 251 11.57 -59.04 26.64
CA VAL B 251 12.04 -57.80 26.03
C VAL B 251 13.07 -57.13 26.93
N ARG B 252 14.28 -56.93 26.39
CA ARG B 252 15.35 -56.28 27.11
C ARG B 252 15.72 -54.96 26.42
N GLU B 253 16.19 -54.01 27.21
CA GLU B 253 16.58 -52.69 26.71
C GLU B 253 17.92 -52.31 27.29
N VAL B 254 18.79 -51.75 26.45
CA VAL B 254 20.15 -51.40 26.83
C VAL B 254 20.36 -49.90 26.58
N PHE B 255 20.73 -49.18 27.64
CA PHE B 255 21.03 -47.76 27.56
C PHE B 255 22.37 -47.52 28.26
N PRO B 256 23.41 -47.06 27.55
CA PRO B 256 23.36 -46.76 26.12
C PRO B 256 23.54 -48.01 25.27
N ALA B 257 22.99 -48.00 24.06
CA ALA B 257 23.06 -49.17 23.19
C ALA B 257 24.50 -49.48 22.82
N ASP B 258 24.81 -50.76 22.66
CA ASP B 258 26.14 -51.21 22.27
C ASP B 258 26.26 -51.07 20.76
N LEU B 259 26.59 -49.85 20.33
CA LEU B 259 26.75 -49.52 18.92
C LEU B 259 28.09 -48.82 18.72
N PRO B 260 28.70 -49.00 17.55
CA PRO B 260 29.82 -48.15 17.16
C PRO B 260 29.45 -46.69 17.32
N PRO B 261 30.30 -45.88 17.95
CA PRO B 261 29.91 -44.49 18.23
C PRO B 261 29.55 -43.68 17.00
N ALA B 262 29.95 -44.12 15.81
CA ALA B 262 29.51 -43.44 14.59
C ALA B 262 28.05 -43.74 14.29
N ILE B 263 27.62 -44.98 14.53
CA ILE B 263 26.21 -45.33 14.31
C ILE B 263 25.31 -44.57 15.27
N ALA B 264 25.69 -44.54 16.55
CA ALA B 264 24.86 -43.88 17.55
C ALA B 264 24.78 -42.38 17.32
N ALA B 265 25.90 -41.76 16.93
CA ALA B 265 25.90 -40.32 16.66
C ALA B 265 24.99 -39.99 15.48
N GLU B 266 24.99 -40.84 14.46
CA GLU B 266 24.12 -40.61 13.31
C GLU B 266 22.66 -40.83 13.67
N ALA B 267 22.35 -41.85 14.47
CA ALA B 267 20.99 -42.06 14.92
C ALA B 267 20.47 -40.84 15.68
N GLN B 268 21.31 -40.25 16.54
CA GLN B 268 20.92 -39.06 17.27
C GLN B 268 20.76 -37.86 16.34
N ARG B 269 21.68 -37.72 15.37
CA ARG B 269 21.57 -36.63 14.40
C ARG B 269 20.29 -36.75 13.59
N LEU B 270 19.93 -37.98 13.19
CA LEU B 270 18.70 -38.17 12.43
C LEU B 270 17.48 -37.89 13.29
N ALA B 271 17.52 -38.28 14.57
CA ALA B 271 16.38 -38.03 15.44
C ALA B 271 16.15 -36.54 15.65
N LEU B 272 17.23 -35.78 15.80
CA LEU B 272 17.09 -34.33 15.93
C LEU B 272 16.51 -33.72 14.65
N LYS B 273 16.92 -34.23 13.49
CA LYS B 273 16.35 -33.77 12.23
C LYS B 273 14.87 -34.11 12.14
N VAL B 274 14.49 -35.31 12.60
CA VAL B 274 13.08 -35.70 12.61
C VAL B 274 12.30 -34.80 13.57
N HIS B 275 12.86 -34.55 14.75
CA HIS B 275 12.19 -33.73 15.75
C HIS B 275 11.92 -32.33 15.22
N ARG B 276 12.89 -31.74 14.51
CA ARG B 276 12.69 -30.39 13.99
C ARG B 276 11.78 -30.38 12.77
N ALA B 277 11.89 -31.41 11.91
CA ALA B 277 11.07 -31.46 10.70
C ALA B 277 9.59 -31.49 11.04
N LEU B 278 9.20 -32.33 12.01
CA LEU B 278 7.82 -32.43 12.43
C LEU B 278 7.40 -31.27 13.34
N LYS B 279 8.32 -30.36 13.65
CA LYS B 279 8.05 -29.18 14.47
C LYS B 279 7.56 -29.57 15.87
N LEU B 280 8.19 -30.59 16.44
CA LEU B 280 7.84 -31.06 17.77
C LEU B 280 8.39 -30.11 18.84
N SER B 281 7.89 -30.27 20.07
CA SER B 281 8.32 -29.47 21.19
C SER B 281 8.39 -30.34 22.44
N GLY B 282 9.25 -29.94 23.37
CA GLY B 282 9.37 -30.62 24.64
C GLY B 282 10.23 -31.87 24.58
N TYR B 283 9.69 -32.95 24.02
CA TYR B 283 10.38 -34.22 24.01
C TYR B 283 9.73 -35.15 23.00
N SER B 284 10.49 -36.14 22.55
CA SER B 284 10.01 -37.10 21.57
C SER B 284 10.91 -38.33 21.61
N ARG B 285 10.45 -39.37 20.92
CA ARG B 285 11.19 -40.63 20.82
C ARG B 285 11.09 -41.13 19.40
N THR B 286 12.23 -41.23 18.72
CA THR B 286 12.30 -41.66 17.33
C THR B 286 12.85 -43.07 17.27
N ASP B 287 12.15 -43.96 16.57
CA ASP B 287 12.54 -45.36 16.46
C ASP B 287 13.17 -45.62 15.10
N PHE B 288 14.27 -46.37 15.10
CA PHE B 288 15.00 -46.69 13.88
C PHE B 288 15.17 -48.20 13.75
N ARG B 289 15.29 -48.66 12.51
CA ARG B 289 15.81 -49.98 12.20
C ARG B 289 17.26 -49.84 11.74
N LEU B 290 18.11 -50.77 12.16
CA LEU B 290 19.52 -50.75 11.81
C LEU B 290 19.86 -52.07 11.14
N ASP B 291 20.14 -52.03 9.83
CA ASP B 291 20.42 -53.24 9.08
C ASP B 291 21.90 -53.61 9.22
N GLU B 292 22.27 -54.74 8.61
CA GLU B 292 23.61 -55.29 8.77
C GLU B 292 24.69 -54.48 8.05
N GLN B 293 24.32 -53.41 7.33
CA GLN B 293 25.29 -52.57 6.66
C GLN B 293 25.48 -51.22 7.35
N GLY B 294 24.89 -51.03 8.53
CA GLY B 294 25.03 -49.80 9.26
C GLY B 294 24.10 -48.68 8.86
N ARG B 295 23.09 -48.97 8.03
CA ARG B 295 22.13 -47.96 7.61
C ARG B 295 20.97 -47.89 8.59
N LEU B 296 20.59 -46.67 8.95
CA LEU B 296 19.47 -46.42 9.85
C LEU B 296 18.22 -46.08 9.04
N TRP B 297 17.12 -46.75 9.36
CA TRP B 297 15.84 -46.53 8.67
C TRP B 297 14.82 -46.07 9.71
N CYS B 298 14.36 -44.83 9.57
CA CYS B 298 13.47 -44.27 10.56
C CYS B 298 12.08 -44.89 10.46
N LEU B 299 11.58 -45.42 11.59
CA LEU B 299 10.27 -46.05 11.63
C LEU B 299 9.16 -45.05 11.91
N GLU B 300 9.26 -44.34 13.02
CA GLU B 300 8.26 -43.34 13.41
C GLU B 300 8.86 -42.50 14.53
N VAL B 301 8.16 -41.43 14.86
CA VAL B 301 8.51 -40.58 16.00
C VAL B 301 7.27 -40.42 16.86
N ASN B 302 7.44 -40.58 18.17
CA ASN B 302 6.33 -40.55 19.11
C ASN B 302 6.40 -39.26 19.93
N THR B 303 5.33 -38.46 19.87
CA THR B 303 5.26 -37.22 20.64
C THR B 303 4.80 -37.44 22.07
N LEU B 304 4.38 -38.66 22.41
CA LEU B 304 3.88 -38.98 23.75
C LEU B 304 4.46 -40.31 24.20
N PRO B 305 5.80 -40.40 24.33
CA PRO B 305 6.40 -41.66 24.75
C PRO B 305 6.14 -41.91 26.22
N GLY B 306 6.13 -43.20 26.59
CA GLY B 306 5.83 -43.61 27.95
C GLY B 306 6.63 -42.87 29.00
N MET B 307 6.00 -42.54 30.12
CA MET B 307 6.63 -41.78 31.20
C MET B 307 6.51 -42.59 32.50
N THR B 308 7.22 -43.71 32.56
CA THR B 308 7.40 -44.48 33.78
C THR B 308 8.88 -44.78 33.95
N ALA B 309 9.23 -45.37 35.09
CA ALA B 309 10.63 -45.72 35.34
C ALA B 309 11.13 -46.80 34.38
N THR B 310 10.23 -47.60 33.82
CA THR B 310 10.60 -48.68 32.91
C THR B 310 10.41 -48.31 31.45
N SER B 311 10.06 -47.04 31.17
CA SER B 311 9.83 -46.59 29.80
C SER B 311 11.13 -46.16 29.14
N LEU B 312 11.09 -46.07 27.81
CA LEU B 312 12.31 -45.93 27.02
C LEU B 312 12.96 -44.56 27.23
N LEU B 313 12.18 -43.49 27.13
CA LEU B 313 12.75 -42.15 27.21
C LEU B 313 13.32 -41.87 28.61
N PRO B 314 12.63 -42.21 29.70
CA PRO B 314 13.26 -42.03 31.02
C PRO B 314 14.54 -42.82 31.20
N GLN B 315 14.65 -43.99 30.56
CA GLN B 315 15.90 -44.73 30.61
C GLN B 315 17.02 -43.98 29.89
N ALA B 316 16.71 -43.38 28.74
CA ALA B 316 17.69 -42.57 28.04
C ALA B 316 18.08 -41.35 28.86
N ALA B 317 17.11 -40.73 29.54
CA ALA B 317 17.41 -39.59 30.38
C ALA B 317 18.29 -39.99 31.55
N ALA B 318 18.03 -41.15 32.16
CA ALA B 318 18.85 -41.61 33.27
C ALA B 318 20.27 -41.91 32.83
N ALA B 319 20.45 -42.45 31.61
CA ALA B 319 21.78 -42.71 31.09
C ALA B 319 22.57 -41.43 30.87
N ALA B 320 21.90 -40.28 30.82
CA ALA B 320 22.54 -38.98 30.72
C ALA B 320 22.60 -38.26 32.05
N GLY B 321 22.24 -38.92 33.14
CA GLY B 321 22.28 -38.30 34.46
C GLY B 321 21.07 -37.48 34.81
N ILE B 322 19.95 -37.67 34.14
CA ILE B 322 18.71 -36.94 34.41
C ILE B 322 17.74 -37.89 35.10
N GLY B 323 17.44 -37.62 36.36
CA GLY B 323 16.48 -38.43 37.08
C GLY B 323 15.06 -38.21 36.57
N PHE B 324 14.18 -39.15 36.94
CA PHE B 324 12.81 -39.10 36.45
C PHE B 324 12.08 -37.85 36.93
N ALA B 325 12.31 -37.44 38.17
CA ALA B 325 11.66 -36.24 38.69
C ALA B 325 12.15 -34.99 37.99
N GLU B 326 13.48 -34.87 37.80
CA GLU B 326 14.02 -33.74 37.06
C GLU B 326 13.52 -33.74 35.61
N LEU B 327 13.43 -34.93 35.00
CA LEU B 327 12.90 -35.02 33.65
C LEU B 327 11.46 -34.53 33.58
N CYS B 328 10.62 -34.93 34.54
CA CYS B 328 9.23 -34.49 34.54
C CYS B 328 9.12 -32.98 34.74
N GLU B 329 9.90 -32.43 35.69
CA GLU B 329 9.84 -31.00 35.95
C GLU B 329 10.32 -30.20 34.74
N ARG B 330 11.42 -30.63 34.14
CA ARG B 330 11.97 -29.91 33.00
C ARG B 330 11.06 -29.97 31.79
N ILE B 331 10.29 -31.06 31.64
CA ILE B 331 9.29 -31.10 30.59
C ILE B 331 8.17 -30.10 30.88
N CYS B 332 7.77 -30.00 32.15
CA CYS B 332 6.79 -28.99 32.55
C CYS B 332 7.26 -27.58 32.17
N ARG B 333 8.52 -27.27 32.46
CA ARG B 333 9.02 -25.92 32.21
C ARG B 333 9.15 -25.64 30.71
N LEU B 334 9.47 -26.67 29.92
CA LEU B 334 9.58 -26.48 28.48
C LEU B 334 8.23 -26.12 27.86
N GLY B 335 7.15 -26.73 28.35
CA GLY B 335 5.84 -26.37 27.87
C GLY B 335 5.41 -24.98 28.28
N ILE B 336 5.80 -24.55 29.47
CA ILE B 336 5.50 -23.20 29.92
C ILE B 336 6.21 -22.17 29.04
N GLU B 337 7.48 -22.42 28.73
CA GLU B 337 8.20 -21.55 27.80
C GLU B 337 7.48 -21.45 26.46
N ARG B 338 7.02 -22.59 25.94
CA ARG B 338 6.37 -22.61 24.63
C ARG B 338 5.09 -21.79 24.63
N CYS B 339 4.27 -21.94 25.66
CA CYS B 339 3.03 -21.16 25.74
C CYS B 339 3.32 -19.69 26.04
N LYS B 340 4.41 -19.41 26.74
CA LYS B 340 4.79 -18.02 27.00
C LYS B 340 5.42 -17.37 25.78
N GLY B 341 6.06 -18.16 24.91
CA GLY B 341 6.67 -17.64 23.70
C GLY B 341 5.81 -17.85 22.47
N ALA B 342 4.51 -18.03 22.67
CA ALA B 342 3.58 -18.25 21.57
C ALA B 342 2.88 -16.96 21.17
N GLY C 3 0.12 37.54 25.98
CA GLY C 3 0.34 38.97 25.91
C GLY C 3 0.21 39.54 24.51
N GLN C 4 -0.82 39.09 23.78
CA GLN C 4 -1.07 39.55 22.43
C GLN C 4 -2.55 39.33 22.12
N ASP C 5 -3.12 40.25 21.33
CA ASP C 5 -4.56 40.23 21.08
C ASP C 5 -5.00 38.90 20.50
N LYS C 6 -6.13 38.41 20.99
CA LYS C 6 -6.63 37.09 20.61
C LYS C 6 -7.27 37.13 19.23
N LEU C 7 -7.19 36.01 18.53
CA LEU C 7 -7.61 35.90 17.14
C LEU C 7 -8.91 35.13 17.03
N LYS C 8 -9.61 35.38 15.92
CA LYS C 8 -10.76 34.57 15.50
C LYS C 8 -10.33 33.81 14.25
N VAL C 9 -10.09 32.52 14.40
CA VAL C 9 -9.47 31.70 13.36
C VAL C 9 -10.49 30.69 12.86
N ALA C 10 -10.62 30.58 11.54
CA ALA C 10 -11.40 29.53 10.91
C ALA C 10 -10.44 28.45 10.44
N VAL C 11 -10.61 27.24 10.96
CA VAL C 11 -9.74 26.11 10.64
C VAL C 11 -10.42 25.29 9.55
N LEU C 12 -9.81 25.26 8.36
CA LEU C 12 -10.37 24.55 7.22
C LEU C 12 -9.70 23.20 7.08
N PHE C 13 -10.51 22.15 6.93
CA PHE C 13 -10.01 20.79 6.83
C PHE C 13 -10.92 20.01 5.90
N GLY C 14 -10.57 18.75 5.67
CA GLY C 14 -11.37 17.87 4.82
C GLY C 14 -10.69 17.51 3.51
N GLY C 15 -11.18 18.05 2.41
CA GLY C 15 -10.64 17.75 1.11
C GLY C 15 -11.22 16.48 0.51
N SER C 16 -10.49 15.91 -0.43
CA SER C 16 -10.92 14.70 -1.09
C SER C 16 -10.86 13.52 -0.12
N SER C 17 -11.50 12.42 -0.52
CA SER C 17 -11.65 11.27 0.38
C SER C 17 -10.30 10.71 0.82
N GLU C 18 -9.33 10.69 -0.10
CA GLU C 18 -8.01 10.16 0.24
C GLU C 18 -7.23 11.07 1.19
N GLU C 19 -7.64 12.33 1.34
CA GLU C 19 -6.97 13.28 2.20
C GLU C 19 -7.68 13.50 3.53
N ARG C 20 -8.92 13.02 3.68
CA ARG C 20 -9.76 13.47 4.78
C ARG C 20 -9.24 12.98 6.13
N ASP C 21 -8.88 11.70 6.22
CA ASP C 21 -8.46 11.13 7.51
C ASP C 21 -7.28 11.91 8.08
N VAL C 22 -6.28 12.23 7.26
CA VAL C 22 -5.15 13.01 7.72
C VAL C 22 -5.56 14.44 8.00
N SER C 23 -6.41 15.02 7.13
CA SER C 23 -6.83 16.40 7.30
C SER C 23 -7.72 16.57 8.52
N ILE C 24 -8.65 15.63 8.74
CA ILE C 24 -9.54 15.74 9.89
C ILE C 24 -8.76 15.65 11.19
N ALA C 25 -7.80 14.71 11.27
CA ALA C 25 -7.00 14.59 12.47
C ALA C 25 -6.20 15.86 12.74
N SER C 26 -5.66 16.48 11.68
CA SER C 26 -4.91 17.71 11.85
C SER C 26 -5.82 18.86 12.25
N GLY C 27 -6.98 18.98 11.59
CA GLY C 27 -7.89 20.08 11.92
C GLY C 27 -8.34 20.06 13.37
N ALA C 28 -8.68 18.88 13.88
CA ALA C 28 -9.09 18.76 15.27
C ALA C 28 -7.98 19.20 16.22
N GLN C 29 -6.75 18.77 15.94
CA GLN C 29 -5.63 19.14 16.80
C GLN C 29 -5.37 20.65 16.74
N VAL C 30 -5.50 21.25 15.55
CA VAL C 30 -5.25 22.68 15.42
C VAL C 30 -6.33 23.48 16.16
N ILE C 31 -7.58 23.04 16.05
CA ILE C 31 -8.68 23.71 16.76
C ILE C 31 -8.43 23.70 18.26
N GLN C 32 -8.12 22.52 18.81
CA GLN C 32 -7.90 22.42 20.24
C GLN C 32 -6.69 23.21 20.68
N ALA C 33 -5.62 23.21 19.87
CA ALA C 33 -4.41 23.92 20.24
C ALA C 33 -4.63 25.42 20.30
N LEU C 34 -5.28 25.98 19.27
CA LEU C 34 -5.53 27.42 19.26
C LEU C 34 -6.51 27.83 20.35
N ARG C 35 -7.41 26.91 20.73
CA ARG C 35 -8.34 27.21 21.81
C ARG C 35 -7.65 27.23 23.16
N SER C 36 -6.69 26.31 23.38
CA SER C 36 -5.93 26.32 24.62
C SER C 36 -5.12 27.60 24.75
N ALA C 37 -4.79 28.24 23.63
CA ALA C 37 -4.13 29.54 23.64
C ALA C 37 -5.11 30.69 23.77
N GLY C 38 -6.39 30.41 23.93
CA GLY C 38 -7.39 31.43 24.19
C GLY C 38 -8.00 32.09 22.98
N HIS C 39 -7.81 31.55 21.79
CA HIS C 39 -8.41 32.14 20.60
C HIS C 39 -9.79 31.53 20.34
N GLN C 40 -10.61 32.28 19.59
CA GLN C 40 -11.89 31.79 19.12
C GLN C 40 -11.68 31.08 17.79
N VAL C 41 -12.16 29.83 17.70
CA VAL C 41 -11.89 28.97 16.56
C VAL C 41 -13.21 28.49 15.97
N LEU C 42 -13.32 28.59 14.64
CA LEU C 42 -14.43 28.01 13.90
C LEU C 42 -13.92 26.84 13.08
N ALA C 43 -14.70 25.76 13.03
CA ALA C 43 -14.36 24.58 12.27
C ALA C 43 -15.15 24.55 10.97
N VAL C 44 -14.44 24.43 9.85
CA VAL C 44 -15.05 24.43 8.52
C VAL C 44 -14.59 23.18 7.77
N ASP C 45 -15.55 22.38 7.33
CA ASP C 45 -15.28 21.24 6.46
C ASP C 45 -15.47 21.65 5.01
N THR C 46 -14.55 21.21 4.15
CA THR C 46 -14.64 21.56 2.74
C THR C 46 -15.87 20.94 2.08
N ALA C 47 -16.50 19.95 2.71
CA ALA C 47 -17.68 19.32 2.15
C ALA C 47 -18.98 19.92 2.68
N SER C 48 -19.09 20.09 4.01
CA SER C 48 -20.32 20.57 4.61
C SER C 48 -20.31 22.05 4.96
N GLY C 49 -19.13 22.65 5.11
CA GLY C 49 -19.05 24.05 5.47
C GLY C 49 -18.81 24.26 6.95
N LEU C 50 -19.36 25.34 7.49
CA LEU C 50 -19.18 25.65 8.91
C LEU C 50 -19.87 24.62 9.78
N LEU C 51 -19.17 24.17 10.82
CA LEU C 51 -19.69 23.16 11.73
C LEU C 51 -20.43 23.82 12.89
N GLY C 52 -21.59 23.28 13.24
CA GLY C 52 -22.32 23.70 14.41
C GLY C 52 -21.78 23.08 15.69
N ALA C 53 -22.46 23.39 16.79
CA ALA C 53 -21.97 22.96 18.10
C ALA C 53 -21.98 21.43 18.23
N GLU C 54 -23.02 20.78 17.70
CA GLU C 54 -23.07 19.32 17.78
C GLU C 54 -22.02 18.68 16.88
N GLU C 55 -21.90 19.16 15.64
CA GLU C 55 -20.91 18.62 14.71
C GLU C 55 -19.50 18.81 15.25
N GLU C 56 -19.19 20.02 15.72
CA GLU C 56 -17.86 20.30 16.25
C GLU C 56 -17.57 19.49 17.49
N ARG C 57 -18.60 19.24 18.33
CA ARG C 57 -18.40 18.43 19.51
C ARG C 57 -18.01 17.00 19.16
N ARG C 58 -18.63 16.43 18.12
CA ARG C 58 -18.26 15.09 17.69
C ARG C 58 -16.95 15.08 16.91
N LEU C 59 -16.65 16.17 16.21
CA LEU C 59 -15.35 16.27 15.54
C LEU C 59 -14.21 16.24 16.54
N LEU C 60 -14.33 17.05 17.61
CA LEU C 60 -13.27 17.11 18.62
C LEU C 60 -13.25 15.88 19.53
N ALA C 61 -14.31 15.07 19.52
CA ALA C 61 -14.35 13.86 20.35
C ALA C 61 -13.85 12.63 19.60
N SER C 62 -14.55 12.25 18.53
CA SER C 62 -14.18 11.06 17.76
C SER C 62 -13.04 11.31 16.79
N LYS C 63 -12.65 12.57 16.57
CA LYS C 63 -11.60 12.95 15.63
C LYS C 63 -11.91 12.46 14.21
N VAL C 64 -13.19 12.47 13.83
CA VAL C 64 -13.61 12.01 12.51
C VAL C 64 -14.91 12.73 12.16
N LYS C 65 -15.15 12.86 10.85
CA LYS C 65 -16.36 13.48 10.33
C LYS C 65 -16.68 12.87 8.98
N GLU C 66 -17.92 12.42 8.79
CA GLU C 66 -18.32 11.72 7.60
C GLU C 66 -19.20 12.59 6.71
N VAL C 67 -19.23 12.26 5.43
CA VAL C 67 -19.92 13.06 4.43
C VAL C 67 -20.79 12.21 3.50
N GLY C 88 -21.68 33.87 4.39
CA GLY C 88 -21.64 35.24 4.87
C GLY C 88 -21.60 35.33 6.39
N GLU C 89 -21.32 34.19 7.03
CA GLU C 89 -21.25 34.11 8.49
C GLU C 89 -19.82 34.03 9.00
N LEU C 90 -18.81 34.08 8.13
CA LEU C 90 -17.43 34.09 8.55
C LEU C 90 -16.90 35.49 8.83
N ALA C 91 -17.78 36.40 9.26
CA ALA C 91 -17.37 37.74 9.62
C ALA C 91 -16.57 37.72 10.91
N GLY C 92 -15.66 38.69 11.04
CA GLY C 92 -14.76 38.73 12.17
C GLY C 92 -13.65 37.71 12.15
N VAL C 93 -13.62 36.82 11.15
CA VAL C 93 -12.56 35.84 11.05
C VAL C 93 -11.27 36.54 10.62
N ASP C 94 -10.24 36.45 11.46
CA ASP C 94 -8.99 37.13 11.16
C ASP C 94 -8.18 36.38 10.10
N VAL C 95 -8.21 35.05 10.13
CA VAL C 95 -7.37 34.25 9.23
C VAL C 95 -7.98 32.88 9.07
N PHE C 96 -7.75 32.26 7.92
CA PHE C 96 -8.12 30.89 7.64
C PHE C 96 -6.89 30.01 7.84
N PHE C 97 -6.95 29.10 8.82
CA PHE C 97 -5.89 28.11 9.00
C PHE C 97 -6.19 26.93 8.09
N LEU C 98 -5.36 26.72 7.08
CA LEU C 98 -5.55 25.63 6.13
C LEU C 98 -4.96 24.36 6.73
N ALA C 99 -5.80 23.59 7.40
CA ALA C 99 -5.40 22.28 7.93
C ALA C 99 -5.69 21.17 6.93
N LEU C 100 -5.47 21.43 5.66
CA LEU C 100 -5.72 20.47 4.60
C LEU C 100 -4.48 19.61 4.36
N HIS C 101 -4.63 18.62 3.50
CA HIS C 101 -3.53 17.74 3.12
C HIS C 101 -3.67 17.40 1.64
N GLY C 102 -2.52 17.28 0.97
CA GLY C 102 -2.53 16.85 -0.43
C GLY C 102 -3.00 17.94 -1.38
N GLY C 103 -3.55 17.51 -2.52
CA GLY C 103 -3.81 18.41 -3.62
C GLY C 103 -4.83 19.50 -3.31
N THR C 104 -5.79 19.23 -2.42
CA THR C 104 -6.82 20.22 -2.10
C THR C 104 -6.20 21.51 -1.57
N GLY C 105 -5.14 21.40 -0.78
CA GLY C 105 -4.50 22.59 -0.25
C GLY C 105 -3.23 22.97 -0.98
N GLU C 106 -2.73 22.08 -1.83
CA GLU C 106 -1.46 22.29 -2.50
C GLU C 106 -1.57 22.87 -3.90
N ASP C 107 -2.69 22.62 -4.61
CA ASP C 107 -2.73 23.05 -6.01
C ASP C 107 -2.94 24.56 -6.16
N GLY C 108 -3.24 25.27 -5.09
CA GLY C 108 -3.33 26.71 -5.12
C GLY C 108 -4.69 27.29 -5.42
N THR C 109 -5.69 26.45 -5.71
CA THR C 109 -7.01 26.95 -6.05
C THR C 109 -7.62 27.74 -4.89
N LEU C 110 -7.58 27.16 -3.68
CA LEU C 110 -8.19 27.82 -2.53
C LEU C 110 -7.45 29.10 -2.17
N GLN C 111 -6.11 29.09 -2.25
CA GLN C 111 -5.37 30.32 -1.95
C GLN C 111 -5.74 31.43 -2.92
N ALA C 112 -5.89 31.11 -4.21
CA ALA C 112 -6.28 32.12 -5.19
C ALA C 112 -7.69 32.62 -4.92
N LEU C 113 -8.61 31.72 -4.57
CA LEU C 113 -9.97 32.13 -4.21
C LEU C 113 -9.95 33.07 -3.01
N LEU C 114 -9.17 32.74 -1.98
CA LEU C 114 -9.11 33.59 -0.80
C LEU C 114 -8.41 34.90 -1.09
N ASP C 115 -7.39 34.89 -1.97
CA ASP C 115 -6.76 36.14 -2.40
C ASP C 115 -7.76 37.07 -3.07
N ALA C 116 -8.71 36.51 -3.83
CA ALA C 116 -9.68 37.34 -4.53
C ALA C 116 -10.56 38.10 -3.55
N GLY C 117 -10.99 37.44 -2.47
CA GLY C 117 -11.87 38.07 -1.51
C GLY C 117 -11.19 38.89 -0.44
N GLY C 118 -9.88 39.08 -0.53
CA GLY C 118 -9.13 39.70 0.53
C GLY C 118 -9.00 38.85 1.79
N PHE C 119 -9.31 37.56 1.71
CA PHE C 119 -9.29 36.71 2.89
C PHE C 119 -7.85 36.38 3.27
N ALA C 120 -7.57 36.35 4.57
CA ALA C 120 -6.25 35.97 5.06
C ALA C 120 -6.21 34.47 5.32
N TYR C 121 -5.08 33.85 4.98
CA TYR C 121 -4.91 32.41 5.18
C TYR C 121 -3.46 32.13 5.55
N THR C 122 -3.21 30.89 5.95
CA THR C 122 -1.89 30.45 6.36
C THR C 122 -1.13 29.82 5.19
N GLY C 123 0.19 29.87 5.28
CA GLY C 123 1.02 29.18 4.30
C GLY C 123 1.19 29.96 3.00
N SER C 124 1.68 29.26 1.99
CA SER C 124 2.09 29.87 0.74
C SER C 124 0.89 30.22 -0.13
N GLY C 125 1.10 31.17 -1.04
CA GLY C 125 0.06 31.63 -1.93
C GLY C 125 -0.15 30.70 -3.11
N HIS C 126 -0.99 31.15 -4.04
CA HIS C 126 -1.43 30.29 -5.14
C HIS C 126 -0.28 29.89 -6.05
N LEU C 127 0.52 30.86 -6.50
CA LEU C 127 1.63 30.54 -7.38
C LEU C 127 2.66 29.67 -6.67
N ALA C 128 3.06 30.07 -5.46
CA ALA C 128 4.05 29.31 -4.71
C ALA C 128 3.59 27.88 -4.46
N SER C 129 2.33 27.70 -4.06
CA SER C 129 1.83 26.37 -3.78
C SER C 129 1.81 25.51 -5.04
N ALA C 130 1.31 26.07 -6.15
CA ALA C 130 1.18 25.29 -7.37
C ALA C 130 2.55 24.89 -7.92
N MET C 131 3.53 25.80 -7.83
CA MET C 131 4.86 25.46 -8.31
C MET C 131 5.49 24.36 -7.46
N ALA C 132 5.28 24.39 -6.15
CA ALA C 132 5.84 23.36 -5.28
C ALA C 132 5.17 22.02 -5.49
N MET C 133 3.88 22.01 -5.82
CA MET C 133 3.20 20.74 -6.09
C MET C 133 3.69 20.11 -7.39
N ASP C 134 4.17 20.93 -8.33
CA ASP C 134 4.75 20.43 -9.58
C ASP C 134 6.20 20.06 -9.30
N LYS C 135 6.43 18.77 -9.02
CA LYS C 135 7.77 18.33 -8.64
C LYS C 135 8.80 18.61 -9.74
N ASP C 136 8.38 18.45 -10.99
CA ASP C 136 9.25 18.78 -12.13
C ASP C 136 9.66 20.24 -12.11
N VAL C 137 8.67 21.16 -12.08
CA VAL C 137 8.99 22.58 -12.12
C VAL C 137 9.78 22.98 -10.87
N ALA C 138 9.40 22.43 -9.71
CA ALA C 138 10.11 22.75 -8.47
C ALA C 138 11.59 22.37 -8.57
N LYS C 139 11.89 21.22 -9.16
CA LYS C 139 13.28 20.81 -9.28
C LYS C 139 14.05 21.67 -10.29
N ARG C 140 13.37 22.19 -11.31
CA ARG C 140 14.00 23.18 -12.17
C ARG C 140 14.42 24.41 -11.37
N LEU C 141 13.54 24.86 -10.48
CA LEU C 141 13.83 26.04 -9.68
C LEU C 141 14.86 25.77 -8.59
N PHE C 142 14.94 24.53 -8.09
CA PHE C 142 16.05 24.18 -7.20
C PHE C 142 17.37 24.44 -7.89
N LEU C 143 17.53 23.94 -9.12
CA LEU C 143 18.79 24.11 -9.85
C LEU C 143 19.07 25.59 -10.10
N ALA C 144 18.06 26.35 -10.53
CA ALA C 144 18.28 27.76 -10.81
C ALA C 144 18.69 28.53 -9.57
N ALA C 145 18.32 28.03 -8.39
CA ALA C 145 18.70 28.62 -7.11
C ALA C 145 20.00 28.04 -6.57
N GLY C 146 20.71 27.24 -7.37
CA GLY C 146 21.94 26.64 -6.89
C GLY C 146 21.75 25.54 -5.88
N VAL C 147 20.60 24.88 -5.89
CA VAL C 147 20.33 23.77 -4.98
C VAL C 147 20.39 22.48 -5.79
N GLU C 148 21.34 21.61 -5.45
CA GLU C 148 21.49 20.35 -6.16
C GLU C 148 20.25 19.49 -6.01
N THR C 149 19.93 18.75 -7.06
CA THR C 149 18.80 17.84 -7.06
C THR C 149 19.09 16.75 -8.07
N ALA C 150 18.53 15.56 -7.81
CA ALA C 150 18.85 14.40 -8.62
C ALA C 150 18.35 14.58 -10.04
N SER C 151 19.14 14.09 -11.01
CA SER C 151 18.74 14.17 -12.41
C SER C 151 17.41 13.47 -12.63
N TRP C 152 16.62 14.01 -13.55
CA TRP C 152 15.29 13.48 -13.77
C TRP C 152 14.85 13.72 -15.21
N LEU C 153 13.95 12.87 -15.68
CA LEU C 153 13.30 13.03 -16.97
C LEU C 153 11.79 12.91 -16.77
N MET C 154 11.04 13.50 -17.69
CA MET C 154 9.60 13.36 -17.72
C MET C 154 9.21 12.43 -18.86
N ALA C 155 8.33 11.49 -18.57
CA ALA C 155 7.87 10.56 -19.60
C ALA C 155 7.19 11.33 -20.73
N PRO C 156 7.37 10.91 -21.99
CA PRO C 156 8.15 9.75 -22.40
C PRO C 156 9.65 10.01 -22.44
N ALA C 157 10.45 8.96 -22.19
CA ALA C 157 11.90 9.02 -22.27
C ALA C 157 12.41 7.74 -22.89
N SER C 158 13.36 7.87 -23.81
CA SER C 158 13.89 6.71 -24.52
C SER C 158 14.79 5.89 -23.61
N GLU C 159 15.06 4.65 -24.05
CA GLU C 159 15.95 3.77 -23.29
C GLU C 159 17.35 4.35 -23.17
N GLU C 160 17.79 5.12 -24.17
CA GLU C 160 19.13 5.70 -24.13
C GLU C 160 19.18 6.89 -23.19
N GLU C 161 18.17 7.76 -23.21
CA GLU C 161 18.12 8.89 -22.29
C GLU C 161 18.12 8.42 -20.84
N VAL C 162 17.33 7.39 -20.54
CA VAL C 162 17.23 6.90 -19.18
C VAL C 162 18.56 6.32 -18.70
N ARG C 163 19.21 5.53 -19.55
CA ARG C 163 20.48 4.91 -19.14
C ARG C 163 21.60 5.93 -19.08
N GLU C 164 21.57 6.95 -19.93
CA GLU C 164 22.65 7.94 -19.95
C GLU C 164 22.55 8.89 -18.76
N GLN C 165 21.36 9.46 -18.53
CA GLN C 165 21.19 10.53 -17.56
C GLN C 165 20.74 10.05 -16.19
N LEU C 166 20.06 8.91 -16.09
CA LEU C 166 19.52 8.45 -14.82
C LEU C 166 20.16 7.16 -14.33
N GLY C 167 20.21 6.13 -15.16
CA GLY C 167 20.71 4.84 -14.72
C GLY C 167 19.71 4.12 -13.83
N PHE C 168 20.09 2.92 -13.42
CA PHE C 168 19.23 2.11 -12.58
C PHE C 168 19.92 1.80 -11.25
N PRO C 169 19.16 1.69 -10.16
CA PRO C 169 17.70 1.83 -10.10
C PRO C 169 17.23 3.28 -10.10
N LEU C 170 15.99 3.52 -10.51
CA LEU C 170 15.43 4.86 -10.55
C LEU C 170 14.02 4.83 -9.99
N VAL C 171 13.49 6.02 -9.71
CA VAL C 171 12.16 6.18 -9.13
C VAL C 171 11.21 6.68 -10.22
N VAL C 172 10.04 6.08 -10.28
CA VAL C 172 8.95 6.54 -11.15
C VAL C 172 7.78 6.92 -10.27
N LYS C 173 7.26 8.13 -10.45
CA LYS C 173 6.17 8.60 -9.62
C LYS C 173 5.37 9.64 -10.38
N PRO C 174 4.09 9.81 -10.06
CA PRO C 174 3.33 10.91 -10.66
C PRO C 174 3.92 12.25 -10.24
N ASN C 175 3.85 13.22 -11.15
CA ASN C 175 4.53 14.49 -10.93
C ASN C 175 3.85 15.32 -9.85
N SER C 176 2.53 15.24 -9.73
CA SER C 176 1.79 16.18 -8.89
C SER C 176 0.81 15.55 -7.90
N GLN C 177 0.75 14.23 -7.81
CA GLN C 177 -0.28 13.58 -6.99
C GLN C 177 0.33 13.12 -5.66
N GLY C 178 0.48 14.08 -4.75
CA GLY C 178 0.91 13.79 -3.40
C GLY C 178 2.20 13.01 -3.35
N SER C 179 2.26 12.04 -2.44
CA SER C 179 3.39 11.15 -2.31
C SER C 179 2.88 9.71 -2.32
N THR C 180 3.83 8.77 -2.36
CA THR C 180 3.56 7.34 -2.24
C THR C 180 2.66 6.80 -3.36
N VAL C 181 1.49 7.42 -3.55
CA VAL C 181 0.50 6.91 -4.48
C VAL C 181 1.10 6.84 -5.89
N GLY C 182 1.18 5.63 -6.43
CA GLY C 182 1.66 5.43 -7.78
C GLY C 182 3.16 5.37 -7.93
N LEU C 183 3.92 5.44 -6.85
CA LEU C 183 5.37 5.39 -6.93
C LEU C 183 5.85 3.94 -6.97
N SER C 184 6.92 3.71 -7.74
CA SER C 184 7.56 2.41 -7.79
C SER C 184 9.00 2.59 -8.21
N ILE C 185 9.81 1.57 -7.93
CA ILE C 185 11.23 1.55 -8.26
C ILE C 185 11.43 0.75 -9.53
N VAL C 186 12.20 1.31 -10.46
CA VAL C 186 12.54 0.67 -11.72
C VAL C 186 13.96 0.11 -11.58
N HIS C 187 14.09 -1.21 -11.61
CA HIS C 187 15.38 -1.85 -11.45
C HIS C 187 16.10 -2.10 -12.77
N SER C 188 15.39 -2.05 -13.89
CA SER C 188 15.99 -2.30 -15.19
C SER C 188 15.09 -1.70 -16.26
N GLN C 189 15.59 -1.68 -17.50
CA GLN C 189 14.84 -1.13 -18.61
C GLN C 189 13.50 -1.84 -18.79
N ALA C 190 13.44 -3.12 -18.44
CA ALA C 190 12.22 -3.92 -18.62
C ALA C 190 11.10 -3.51 -17.67
N GLU C 191 11.39 -2.75 -16.62
CA GLU C 191 10.37 -2.30 -15.68
C GLU C 191 9.95 -0.85 -15.90
N LEU C 192 10.56 -0.16 -16.87
CA LEU C 192 10.31 1.28 -17.03
C LEU C 192 8.88 1.53 -17.51
N GLN C 193 8.48 0.88 -18.60
CA GLN C 193 7.15 1.09 -19.16
C GLN C 193 6.03 0.63 -18.22
N PRO C 194 6.15 -0.54 -17.55
CA PRO C 194 5.13 -0.88 -16.55
C PRO C 194 5.01 0.16 -15.44
N ALA C 195 6.12 0.70 -14.95
CA ALA C 195 6.06 1.70 -13.90
C ALA C 195 5.48 3.01 -14.41
N ILE C 196 5.76 3.38 -15.66
CA ILE C 196 5.18 4.59 -16.21
C ILE C 196 3.68 4.44 -16.35
N GLU C 197 3.21 3.27 -16.79
CA GLU C 197 1.78 3.03 -16.90
C GLU C 197 1.11 3.06 -15.52
N LEU C 198 1.79 2.53 -14.51
CA LEU C 198 1.24 2.57 -13.15
C LEU C 198 1.15 4.00 -12.64
N ALA C 199 2.21 4.79 -12.83
CA ALA C 199 2.15 6.18 -12.40
C ALA C 199 1.14 6.97 -13.22
N GLY C 200 0.94 6.61 -14.49
CA GLY C 200 0.00 7.28 -15.36
C GLY C 200 -1.47 7.07 -15.00
N ARG C 201 -1.77 6.10 -14.13
CA ARG C 201 -3.13 5.90 -13.66
C ARG C 201 -3.56 6.95 -12.64
N TYR C 202 -2.62 7.70 -12.08
CA TYR C 202 -2.93 8.71 -11.08
C TYR C 202 -2.61 10.14 -11.51
N GLY C 203 -1.81 10.33 -12.55
CA GLY C 203 -1.45 11.68 -12.96
C GLY C 203 -1.25 11.79 -14.46
N ASP C 204 -1.30 13.03 -14.95
CA ASP C 204 -1.09 13.28 -16.36
C ASP C 204 0.39 13.30 -16.72
N GLU C 205 1.25 13.71 -15.79
CA GLU C 205 2.68 13.76 -16.01
C GLU C 205 3.38 12.78 -15.07
N VAL C 206 4.47 12.20 -15.54
CA VAL C 206 5.18 11.14 -14.82
C VAL C 206 6.66 11.49 -14.78
N MET C 207 7.23 11.53 -13.58
CA MET C 207 8.65 11.78 -13.37
C MET C 207 9.47 10.50 -13.35
N LEU C 208 10.64 10.55 -13.97
CA LEU C 208 11.65 9.50 -13.90
C LEU C 208 12.85 10.13 -13.20
N GLU C 209 13.04 9.81 -11.91
CA GLU C 209 14.06 10.45 -11.11
C GLU C 209 15.15 9.44 -10.71
N ARG C 210 16.40 9.87 -10.85
CA ARG C 210 17.51 9.06 -10.38
C ARG C 210 17.42 8.85 -8.87
N PHE C 211 17.64 7.61 -8.44
CA PHE C 211 17.64 7.31 -7.02
C PHE C 211 19.01 7.62 -6.42
N VAL C 212 19.01 8.29 -5.27
CA VAL C 212 20.24 8.61 -4.55
C VAL C 212 20.21 7.83 -3.24
N ALA C 213 21.11 6.87 -3.11
CA ALA C 213 21.24 6.14 -1.86
C ALA C 213 21.81 7.05 -0.79
N GLY C 214 21.30 6.90 0.43
CA GLY C 214 21.77 7.68 1.54
C GLY C 214 20.70 7.82 2.61
N ARG C 215 20.85 8.85 3.43
CA ARG C 215 19.97 9.12 4.55
C ARG C 215 18.87 10.11 4.15
N GLU C 216 17.73 9.99 4.82
CA GLU C 216 16.58 10.84 4.56
C GLU C 216 16.55 11.96 5.59
N VAL C 217 16.64 13.20 5.11
CA VAL C 217 16.81 14.37 5.95
C VAL C 217 15.72 15.38 5.58
N THR C 218 15.17 16.06 6.60
CA THR C 218 14.11 17.05 6.39
C THR C 218 14.41 18.32 7.16
N VAL C 219 14.06 19.46 6.58
CA VAL C 219 14.33 20.76 7.17
C VAL C 219 13.06 21.59 7.15
N GLY C 220 12.55 21.92 8.34
CA GLY C 220 11.42 22.82 8.45
C GLY C 220 11.87 24.27 8.46
N VAL C 221 11.08 25.12 7.79
CA VAL C 221 11.31 26.55 7.79
C VAL C 221 10.08 27.22 8.39
N LEU C 222 10.29 28.14 9.31
CA LEU C 222 9.22 28.93 9.91
C LEU C 222 9.55 30.40 9.73
N ASP C 223 8.65 31.13 9.06
CA ASP C 223 8.90 32.51 8.65
C ASP C 223 10.19 32.58 7.84
N ASP C 224 11.26 33.08 8.44
CA ASP C 224 12.54 33.25 7.74
C ASP C 224 13.68 32.50 8.42
N GLN C 225 13.40 31.61 9.36
CA GLN C 225 14.44 30.84 10.03
C GLN C 225 14.24 29.36 9.78
N ALA C 226 15.34 28.64 9.64
CA ALA C 226 15.31 27.20 9.47
C ALA C 226 15.25 26.53 10.84
N LEU C 227 14.37 25.55 10.97
CA LEU C 227 14.23 24.81 12.21
C LEU C 227 15.32 23.73 12.30
N PRO C 228 15.54 23.17 13.50
CA PRO C 228 16.51 22.08 13.63
C PRO C 228 16.25 20.97 12.61
N VAL C 229 17.34 20.47 12.04
CA VAL C 229 17.25 19.41 11.03
C VAL C 229 16.77 18.12 11.68
N GLY C 230 15.98 17.35 10.92
CA GLY C 230 15.57 16.04 11.36
C GLY C 230 15.94 14.94 10.39
N GLU C 231 16.02 13.70 10.89
CA GLU C 231 16.30 12.54 10.06
C GLU C 231 15.19 11.50 10.25
N ILE C 232 14.79 10.89 9.14
CA ILE C 232 13.76 9.84 9.12
C ILE C 232 14.48 8.54 8.83
N LEU C 233 14.50 7.64 9.83
CA LEU C 233 15.25 6.39 9.76
C LEU C 233 14.31 5.22 9.54
N LEU C 234 14.17 4.78 8.31
CA LEU C 234 13.80 3.40 8.03
C LEU C 234 15.10 2.59 7.96
N GLY C 235 15.08 1.41 8.55
CA GLY C 235 16.27 0.58 8.67
C GLY C 235 17.01 0.34 7.37
N GLY C 236 17.79 1.33 6.94
CA GLY C 236 18.60 1.17 5.74
C GLY C 236 18.69 2.43 4.91
N GLN C 237 19.60 2.42 3.94
CA GLN C 237 19.83 3.55 3.05
C GLN C 237 19.67 3.18 1.58
N GLU C 238 19.43 1.92 1.25
CA GLU C 238 19.30 1.52 -0.15
C GLU C 238 17.86 1.71 -0.62
N VAL C 239 17.55 1.23 -1.82
CA VAL C 239 16.27 1.55 -2.43
C VAL C 239 15.15 0.66 -1.91
N PHE C 240 15.45 -0.53 -1.39
CA PHE C 240 14.41 -1.33 -0.75
C PHE C 240 13.81 -0.59 0.44
N ASP C 241 14.65 0.15 1.16
CA ASP C 241 14.17 0.93 2.30
C ASP C 241 13.31 2.10 1.84
N TYR C 242 13.70 2.77 0.75
CA TYR C 242 12.92 3.90 0.27
C TYR C 242 11.52 3.47 -0.15
N GLU C 243 11.39 2.29 -0.77
CA GLU C 243 10.10 1.84 -1.25
C GLU C 243 9.23 1.22 -0.16
N HIS C 244 9.84 0.53 0.80
CA HIS C 244 9.11 -0.17 1.85
C HIS C 244 8.99 0.64 3.13
N LYS C 245 8.73 1.94 3.01
CA LYS C 245 8.59 2.81 4.18
C LYS C 245 7.13 3.08 4.52
N ARG C 252 11.30 5.70 12.98
CA ARG C 252 11.75 6.67 13.98
C ARG C 252 12.18 7.98 13.33
N GLU C 253 12.07 9.07 14.10
CA GLU C 253 12.42 10.40 13.62
C GLU C 253 13.25 11.11 14.69
N VAL C 254 14.38 11.66 14.29
CA VAL C 254 15.35 12.24 15.22
C VAL C 254 15.43 13.74 14.97
N PHE C 255 15.07 14.52 15.99
CA PHE C 255 15.20 15.97 15.96
C PHE C 255 15.90 16.40 17.24
N PRO C 256 17.10 17.00 17.16
CA PRO C 256 17.82 17.25 15.90
C PRO C 256 18.57 16.02 15.42
N ALA C 257 18.75 15.91 14.10
CA ALA C 257 19.37 14.73 13.52
C ALA C 257 20.84 14.65 13.93
N ASP C 258 21.38 13.43 13.88
CA ASP C 258 22.78 13.17 14.22
C ASP C 258 23.61 13.42 12.97
N LEU C 259 23.99 14.68 12.77
CA LEU C 259 24.70 15.10 11.59
C LEU C 259 25.90 15.95 11.97
N PRO C 260 26.99 15.88 11.21
CA PRO C 260 28.07 16.86 11.38
C PRO C 260 27.54 18.26 11.22
N PRO C 261 27.93 19.18 12.12
CA PRO C 261 27.32 20.52 12.11
C PRO C 261 27.38 21.24 10.77
N ALA C 262 28.40 20.98 9.96
CA ALA C 262 28.48 21.62 8.65
C ALA C 262 27.41 21.09 7.71
N ILE C 263 27.11 19.80 7.78
CA ILE C 263 26.09 19.21 6.92
C ILE C 263 24.70 19.69 7.34
N ALA C 264 24.44 19.74 8.65
CA ALA C 264 23.15 20.25 9.11
C ALA C 264 22.97 21.71 8.75
N ALA C 265 24.03 22.51 8.91
CA ALA C 265 23.94 23.93 8.55
C ALA C 265 23.73 24.12 7.06
N GLU C 266 24.28 23.23 6.23
CA GLU C 266 24.10 23.37 4.79
C GLU C 266 22.70 22.99 4.36
N ALA C 267 22.14 21.94 4.98
CA ALA C 267 20.74 21.59 4.70
C ALA C 267 19.82 22.75 5.08
N GLN C 268 20.11 23.43 6.18
CA GLN C 268 19.30 24.57 6.57
C GLN C 268 19.50 25.73 5.60
N ARG C 269 20.73 25.94 5.14
CA ARG C 269 20.98 27.01 4.17
C ARG C 269 20.26 26.75 2.86
N LEU C 270 20.27 25.50 2.39
CA LEU C 270 19.62 25.16 1.13
C LEU C 270 18.10 25.20 1.26
N ALA C 271 17.57 24.77 2.40
CA ALA C 271 16.12 24.82 2.59
C ALA C 271 15.62 26.26 2.54
N LEU C 272 16.37 27.20 3.13
CA LEU C 272 15.98 28.60 3.05
C LEU C 272 16.08 29.12 1.62
N LYS C 273 17.11 28.70 0.89
CA LYS C 273 17.20 29.07 -0.52
C LYS C 273 16.02 28.53 -1.31
N VAL C 274 15.62 27.28 -1.04
CA VAL C 274 14.47 26.70 -1.72
C VAL C 274 13.19 27.45 -1.34
N HIS C 275 13.02 27.75 -0.05
CA HIS C 275 11.84 28.48 0.41
C HIS C 275 11.70 29.81 -0.31
N ARG C 276 12.81 30.56 -0.42
CA ARG C 276 12.76 31.86 -1.08
C ARG C 276 12.62 31.73 -2.60
N ALA C 277 13.27 30.72 -3.18
CA ALA C 277 13.24 30.58 -4.64
C ALA C 277 11.82 30.32 -5.13
N LEU C 278 11.06 29.50 -4.41
CA LEU C 278 9.68 29.21 -4.75
C LEU C 278 8.72 30.28 -4.24
N LYS C 279 9.24 31.31 -3.57
CA LYS C 279 8.44 32.42 -3.06
C LYS C 279 7.36 31.93 -2.10
N LEU C 280 7.73 31.02 -1.21
CA LEU C 280 6.82 30.49 -0.21
C LEU C 280 6.61 31.51 0.92
N SER C 281 5.62 31.23 1.77
CA SER C 281 5.30 32.12 2.88
C SER C 281 4.87 31.30 4.09
N GLY C 282 5.17 31.83 5.27
CA GLY C 282 4.74 31.22 6.51
C GLY C 282 5.62 30.09 7.00
N TYR C 283 5.54 28.94 6.34
CA TYR C 283 6.27 27.76 6.77
C TYR C 283 6.36 26.77 5.61
N SER C 284 7.33 25.87 5.70
CA SER C 284 7.53 24.86 4.67
C SER C 284 8.47 23.78 5.22
N ARG C 285 8.47 22.64 4.55
CA ARG C 285 9.31 21.51 4.91
C ARG C 285 9.98 21.00 3.65
N THR C 286 11.31 20.98 3.64
CA THR C 286 12.09 20.55 2.50
C THR C 286 12.80 19.25 2.81
N ASP C 287 12.69 18.28 1.90
CA ASP C 287 13.29 16.96 2.07
C ASP C 287 14.56 16.83 1.25
N PHE C 288 15.58 16.23 1.86
CA PHE C 288 16.86 16.01 1.19
C PHE C 288 17.25 14.55 1.32
N ARG C 289 17.98 14.07 0.31
CA ARG C 289 18.78 12.85 0.43
C ARG C 289 20.22 13.24 0.70
N LEU C 290 20.85 12.57 1.67
CA LEU C 290 22.23 12.81 2.02
C LEU C 290 23.03 11.56 1.66
N ASP C 291 23.86 11.64 0.63
CA ASP C 291 24.57 10.47 0.15
C ASP C 291 25.85 10.26 0.98
N GLU C 292 26.58 9.20 0.64
CA GLU C 292 27.73 8.78 1.43
C GLU C 292 28.88 9.78 1.37
N GLN C 293 28.95 10.60 0.33
CA GLN C 293 30.01 11.59 0.22
C GLN C 293 29.68 12.90 0.91
N GLY C 294 28.52 13.01 1.54
CA GLY C 294 28.16 14.18 2.30
C GLY C 294 27.48 15.29 1.54
N ARG C 295 26.97 14.99 0.34
N ARG C 295 26.99 15.05 0.33
CA ARG C 295 26.25 15.93 -0.49
CA ARG C 295 26.32 16.10 -0.44
C ARG C 295 24.77 15.86 -0.17
C ARG C 295 24.81 15.91 -0.41
N LEU C 296 24.10 17.01 -0.15
CA LEU C 296 22.65 17.03 -0.04
C LEU C 296 22.01 17.09 -1.43
N TRP C 297 20.97 16.29 -1.63
CA TRP C 297 20.18 16.31 -2.85
C TRP C 297 18.74 16.66 -2.49
N CYS C 298 18.27 17.81 -2.99
CA CYS C 298 16.91 18.25 -2.67
C CYS C 298 15.89 17.41 -3.44
N LEU C 299 14.93 16.84 -2.71
CA LEU C 299 13.87 16.04 -3.31
C LEU C 299 12.65 16.88 -3.68
N GLU C 300 12.13 17.63 -2.72
CA GLU C 300 10.90 18.41 -2.92
C GLU C 300 10.74 19.32 -1.71
N VAL C 301 9.83 20.27 -1.83
CA VAL C 301 9.45 21.13 -0.72
C VAL C 301 7.94 21.09 -0.59
N ASN C 302 7.45 20.94 0.65
CA ASN C 302 6.02 20.87 0.93
C ASN C 302 5.56 22.20 1.50
N THR C 303 4.58 22.82 0.85
CA THR C 303 3.96 24.04 1.37
C THR C 303 2.86 23.73 2.37
N LEU C 304 2.52 22.47 2.54
CA LEU C 304 1.42 22.05 3.42
C LEU C 304 1.84 20.81 4.21
N PRO C 305 2.94 20.88 4.95
CA PRO C 305 3.38 19.72 5.73
C PRO C 305 2.43 19.47 6.88
N GLY C 306 2.29 18.19 7.25
CA GLY C 306 1.36 17.77 8.28
C GLY C 306 1.44 18.61 9.54
N MET C 307 0.30 18.96 10.11
CA MET C 307 0.25 19.79 11.31
C MET C 307 -0.53 19.06 12.40
N THR C 308 0.10 18.02 12.93
CA THR C 308 -0.25 17.42 14.21
C THR C 308 0.94 17.58 15.14
N ALA C 309 0.74 17.27 16.42
CA ALA C 309 1.81 17.46 17.39
C ALA C 309 3.03 16.59 17.07
N THR C 310 2.82 15.45 16.42
CA THR C 310 3.91 14.52 16.13
C THR C 310 4.35 14.56 14.67
N SER C 311 3.91 15.56 13.90
CA SER C 311 4.32 15.67 12.52
C SER C 311 5.74 16.23 12.43
N LEU C 312 6.30 16.21 11.22
CA LEU C 312 7.73 16.47 11.04
C LEU C 312 8.08 17.91 11.37
N LEU C 313 7.39 18.87 10.77
CA LEU C 313 7.68 20.27 11.07
C LEU C 313 7.37 20.64 12.52
N PRO C 314 6.24 20.23 13.11
CA PRO C 314 6.05 20.49 14.55
C PRO C 314 7.11 19.85 15.43
N GLN C 315 7.62 18.68 15.04
CA GLN C 315 8.75 18.10 15.76
C GLN C 315 9.98 18.99 15.66
N ALA C 316 10.25 19.53 14.47
CA ALA C 316 11.38 20.44 14.31
C ALA C 316 11.18 21.71 15.11
N ALA C 317 9.94 22.21 15.17
CA ALA C 317 9.67 23.41 15.97
C ALA C 317 9.88 23.13 17.45
N ALA C 318 9.53 21.92 17.90
CA ALA C 318 9.73 21.57 19.31
C ALA C 318 11.21 21.56 19.67
N ALA C 319 12.07 21.10 18.76
CA ALA C 319 13.51 21.15 19.00
C ALA C 319 14.05 22.57 19.06
N ALA C 320 13.24 23.56 18.69
CA ALA C 320 13.60 24.96 18.84
C ALA C 320 12.84 25.63 19.99
N GLY C 321 12.16 24.85 20.83
CA GLY C 321 11.44 25.39 21.96
C GLY C 321 10.04 25.89 21.66
N ILE C 322 9.52 25.64 20.46
CA ILE C 322 8.21 26.14 20.06
C ILE C 322 7.20 25.00 20.16
N GLY C 323 6.24 25.13 21.07
CA GLY C 323 5.20 24.15 21.21
C GLY C 323 4.23 24.16 20.05
N PHE C 324 3.35 23.15 20.03
CA PHE C 324 2.41 23.02 18.92
C PHE C 324 1.41 24.17 18.91
N ALA C 325 0.92 24.58 20.08
CA ALA C 325 -0.04 25.69 20.13
C ALA C 325 0.63 27.00 19.72
N GLU C 326 1.86 27.24 20.17
CA GLU C 326 2.57 28.43 19.75
C GLU C 326 2.90 28.38 18.26
N LEU C 327 3.17 27.19 17.72
CA LEU C 327 3.43 27.06 16.30
C LEU C 327 2.19 27.43 15.48
N CYS C 328 1.04 26.90 15.88
CA CYS C 328 -0.21 27.20 15.15
C CYS C 328 -0.53 28.69 15.22
N GLU C 329 -0.30 29.33 16.37
CA GLU C 329 -0.58 30.76 16.49
C GLU C 329 0.37 31.57 15.63
N ARG C 330 1.67 31.26 15.67
CA ARG C 330 2.64 31.97 14.85
C ARG C 330 2.28 31.88 13.37
N ILE C 331 1.87 30.69 12.92
CA ILE C 331 1.49 30.50 11.53
C ILE C 331 0.24 31.31 11.20
N CYS C 332 -0.71 31.38 12.13
CA CYS C 332 -1.88 32.24 11.95
C CYS C 332 -1.47 33.70 11.79
N ARG C 333 -0.58 34.18 12.66
CA ARG C 333 -0.20 35.59 12.61
C ARG C 333 0.68 35.90 11.41
N LEU C 334 1.47 34.93 10.95
CA LEU C 334 2.24 35.14 9.73
C LEU C 334 1.32 35.30 8.53
N GLY C 335 0.26 34.49 8.44
CA GLY C 335 -0.69 34.64 7.37
C GLY C 335 -1.46 35.95 7.42
N ILE C 336 -1.74 36.44 8.64
CA ILE C 336 -2.40 37.73 8.79
C ILE C 336 -1.50 38.84 8.26
N GLU C 337 -0.23 38.84 8.68
CA GLU C 337 0.68 39.91 8.28
C GLU C 337 1.00 39.86 6.79
N ARG C 338 0.95 38.68 6.18
CA ARG C 338 1.15 38.59 4.74
C ARG C 338 -0.02 39.25 3.99
N CYS C 339 -1.25 38.99 4.43
CA CYS C 339 -2.42 39.61 3.80
C CYS C 339 -2.41 41.11 3.97
N LYS C 340 -1.84 41.61 5.06
CA LYS C 340 -1.76 43.06 5.26
C LYS C 340 -0.84 43.71 4.21
N GLY C 341 0.36 43.17 4.04
CA GLY C 341 1.35 43.74 3.16
C GLY C 341 1.18 43.47 1.69
N ALA C 342 0.11 42.77 1.30
CA ALA C 342 -0.13 42.48 -0.11
C ALA C 342 -0.59 43.71 -0.87
N ASP D 5 -34.22 -34.80 1.07
CA ASP D 5 -34.94 -34.11 2.12
C ASP D 5 -34.15 -32.89 2.61
N LYS D 6 -34.83 -32.01 3.33
CA LYS D 6 -34.22 -30.76 3.77
C LYS D 6 -33.30 -30.99 4.97
N LEU D 7 -32.40 -30.03 5.18
CA LEU D 7 -31.43 -30.08 6.25
C LEU D 7 -31.67 -28.95 7.24
N LYS D 8 -31.11 -29.11 8.43
CA LYS D 8 -31.01 -28.05 9.43
C LYS D 8 -29.53 -27.70 9.54
N VAL D 9 -29.16 -26.50 9.08
CA VAL D 9 -27.77 -26.10 8.95
C VAL D 9 -27.51 -24.90 9.84
N ALA D 10 -26.40 -24.95 10.58
CA ALA D 10 -25.90 -23.80 11.33
C ALA D 10 -24.73 -23.19 10.55
N VAL D 11 -24.86 -21.91 10.22
CA VAL D 11 -23.83 -21.20 9.46
C VAL D 11 -22.98 -20.45 10.48
N LEU D 12 -21.72 -20.86 10.60
CA LEU D 12 -20.79 -20.28 11.56
C LEU D 12 -19.93 -19.23 10.85
N PHE D 13 -19.98 -18.01 11.36
CA PHE D 13 -19.26 -16.90 10.76
C PHE D 13 -18.63 -16.07 11.88
N GLY D 14 -17.90 -15.03 11.49
CA GLY D 14 -17.27 -14.16 12.45
C GLY D 14 -15.76 -14.27 12.43
N GLY D 15 -15.19 -14.90 13.44
CA GLY D 15 -13.75 -15.05 13.52
C GLY D 15 -13.08 -13.89 14.22
N SER D 16 -11.80 -13.73 13.93
CA SER D 16 -11.02 -12.66 14.56
C SER D 16 -11.39 -11.31 13.94
N SER D 17 -10.72 -10.27 14.43
CA SER D 17 -11.04 -8.91 14.00
C SER D 17 -10.84 -8.73 12.49
N GLU D 18 -9.68 -9.12 11.98
CA GLU D 18 -9.35 -8.91 10.57
C GLU D 18 -10.16 -9.80 9.63
N GLU D 19 -10.88 -10.79 10.17
CA GLU D 19 -11.61 -11.74 9.33
C GLU D 19 -13.10 -11.48 9.27
N ARG D 20 -13.64 -10.66 10.18
CA ARG D 20 -15.09 -10.59 10.33
C ARG D 20 -15.78 -10.01 9.11
N ASP D 21 -15.20 -8.98 8.50
CA ASP D 21 -15.86 -8.31 7.38
C ASP D 21 -16.15 -9.28 6.25
N VAL D 22 -15.15 -10.08 5.86
CA VAL D 22 -15.33 -11.03 4.77
C VAL D 22 -16.12 -12.25 5.24
N SER D 23 -15.92 -12.68 6.49
CA SER D 23 -16.66 -13.83 7.00
C SER D 23 -18.14 -13.53 7.13
N ILE D 24 -18.49 -12.30 7.53
CA ILE D 24 -19.89 -11.93 7.67
C ILE D 24 -20.56 -11.88 6.30
N ALA D 25 -19.87 -11.32 5.31
CA ALA D 25 -20.44 -11.25 3.96
C ALA D 25 -20.68 -12.64 3.40
N SER D 26 -19.72 -13.56 3.58
CA SER D 26 -19.92 -14.94 3.16
C SER D 26 -21.04 -15.60 3.96
N GLY D 27 -21.07 -15.37 5.27
CA GLY D 27 -22.09 -16.00 6.09
C GLY D 27 -23.50 -15.60 5.70
N ALA D 28 -23.71 -14.31 5.42
CA ALA D 28 -25.03 -13.86 5.00
C ALA D 28 -25.44 -14.51 3.69
N GLN D 29 -24.53 -14.60 2.73
CA GLN D 29 -24.87 -15.19 1.44
C GLN D 29 -25.15 -16.68 1.56
N VAL D 30 -24.38 -17.38 2.39
CA VAL D 30 -24.61 -18.81 2.57
C VAL D 30 -25.95 -19.06 3.27
N ILE D 31 -26.30 -18.18 4.22
CA ILE D 31 -27.60 -18.31 4.89
C ILE D 31 -28.73 -18.15 3.88
N GLN D 32 -28.67 -17.09 3.07
CA GLN D 32 -29.73 -16.84 2.10
C GLN D 32 -29.82 -17.97 1.07
N ALA D 33 -28.66 -18.47 0.61
CA ALA D 33 -28.67 -19.49 -0.43
C ALA D 33 -29.27 -20.80 0.08
N LEU D 34 -28.92 -21.21 1.29
CA LEU D 34 -29.48 -22.43 1.85
C LEU D 34 -30.95 -22.25 2.18
N ARG D 35 -31.34 -21.08 2.68
CA ARG D 35 -32.75 -20.82 2.95
C ARG D 35 -33.56 -20.81 1.66
N SER D 36 -33.00 -20.25 0.59
CA SER D 36 -33.70 -20.26 -0.70
C SER D 36 -33.94 -21.69 -1.18
N ALA D 37 -33.08 -22.63 -0.78
CA ALA D 37 -33.22 -24.02 -1.17
C ALA D 37 -34.11 -24.82 -0.22
N GLY D 38 -34.76 -24.15 0.73
CA GLY D 38 -35.72 -24.80 1.60
C GLY D 38 -35.17 -25.39 2.88
N HIS D 39 -33.90 -25.15 3.20
CA HIS D 39 -33.32 -25.70 4.41
C HIS D 39 -33.52 -24.73 5.58
N GLN D 40 -33.54 -25.30 6.80
CA GLN D 40 -33.50 -24.48 8.00
C GLN D 40 -32.08 -24.02 8.26
N VAL D 41 -31.90 -22.71 8.44
CA VAL D 41 -30.59 -22.12 8.63
C VAL D 41 -30.59 -21.35 9.95
N LEU D 42 -29.56 -21.60 10.76
CA LEU D 42 -29.34 -20.88 12.00
C LEU D 42 -28.03 -20.11 11.88
N ALA D 43 -28.07 -18.82 12.20
CA ALA D 43 -26.89 -17.96 12.12
C ALA D 43 -26.18 -17.98 13.45
N VAL D 44 -24.90 -18.36 13.45
CA VAL D 44 -24.10 -18.47 14.65
C VAL D 44 -22.84 -17.63 14.47
N ASP D 45 -22.57 -16.75 15.42
CA ASP D 45 -21.35 -15.95 15.46
C ASP D 45 -20.36 -16.60 16.41
N THR D 46 -19.08 -16.63 16.01
CA THR D 46 -18.05 -17.13 16.89
C THR D 46 -17.86 -16.26 18.13
N ALA D 47 -18.31 -15.01 18.07
CA ALA D 47 -18.13 -14.08 19.17
C ALA D 47 -19.33 -14.02 20.10
N SER D 48 -20.50 -14.50 19.67
CA SER D 48 -21.70 -14.43 20.51
C SER D 48 -22.62 -15.63 20.41
N GLY D 49 -22.37 -16.59 19.53
CA GLY D 49 -23.23 -17.77 19.44
C GLY D 49 -24.43 -17.57 18.53
N LEU D 50 -25.53 -18.23 18.85
CA LEU D 50 -26.73 -18.13 18.04
C LEU D 50 -27.26 -16.70 18.02
N LEU D 51 -27.62 -16.22 16.83
CA LEU D 51 -28.12 -14.85 16.68
C LEU D 51 -29.63 -14.80 16.94
N GLY D 52 -30.06 -13.71 17.55
CA GLY D 52 -31.47 -13.45 17.73
C GLY D 52 -32.11 -13.03 16.42
N ALA D 53 -33.44 -12.85 16.48
CA ALA D 53 -34.18 -12.44 15.28
C ALA D 53 -33.75 -11.07 14.81
N GLU D 54 -33.43 -10.16 15.73
CA GLU D 54 -33.07 -8.81 15.35
C GLU D 54 -31.61 -8.73 14.88
N GLU D 55 -30.70 -9.47 15.53
CA GLU D 55 -29.32 -9.51 15.08
C GLU D 55 -29.22 -10.08 13.68
N GLU D 56 -30.07 -11.06 13.36
CA GLU D 56 -30.05 -11.66 12.03
C GLU D 56 -30.60 -10.73 10.97
N ARG D 57 -31.42 -9.75 11.35
CA ARG D 57 -31.96 -8.83 10.35
C ARG D 57 -30.89 -7.89 9.82
N ARG D 58 -30.03 -7.36 10.70
CA ARG D 58 -28.94 -6.52 10.25
C ARG D 58 -27.89 -7.32 9.48
N LEU D 59 -27.67 -8.57 9.89
CA LEU D 59 -26.69 -9.41 9.21
C LEU D 59 -27.07 -9.63 7.75
N LEU D 60 -28.35 -9.86 7.48
CA LEU D 60 -28.81 -10.12 6.12
C LEU D 60 -29.09 -8.86 5.31
N ALA D 61 -29.37 -7.75 5.98
CA ALA D 61 -29.70 -6.49 5.30
C ALA D 61 -28.50 -5.58 5.08
N SER D 62 -27.62 -5.45 6.07
CA SER D 62 -26.50 -4.53 5.99
C SER D 62 -25.14 -5.18 6.27
N LYS D 63 -25.10 -6.48 6.57
CA LYS D 63 -23.85 -7.23 6.73
C LYS D 63 -22.99 -6.66 7.86
N VAL D 64 -23.62 -6.40 8.99
CA VAL D 64 -22.93 -5.92 10.17
C VAL D 64 -23.34 -6.77 11.37
N LYS D 65 -22.40 -6.93 12.31
CA LYS D 65 -22.59 -7.68 13.55
C LYS D 65 -21.51 -7.14 14.50
N GLU D 66 -21.78 -5.93 15.01
CA GLU D 66 -20.83 -5.22 15.87
C GLU D 66 -20.50 -6.04 17.11
N VAL D 67 -19.23 -6.05 17.48
CA VAL D 67 -18.72 -6.89 18.56
C VAL D 67 -17.89 -6.03 19.52
N PRO D 68 -18.08 -6.17 20.84
CA PRO D 68 -17.27 -5.45 21.84
C PRO D 68 -15.81 -5.86 21.82
N SER D 86 -23.53 -24.71 21.94
CA SER D 86 -24.17 -25.86 22.56
C SER D 86 -25.50 -25.48 23.20
N ALA D 87 -26.32 -24.73 22.47
CA ALA D 87 -27.58 -24.23 22.99
C ALA D 87 -28.71 -25.21 22.63
N GLY D 88 -29.94 -24.84 23.02
CA GLY D 88 -31.07 -25.74 22.80
C GLY D 88 -31.53 -25.74 21.35
N GLU D 89 -31.66 -24.56 20.74
CA GLU D 89 -32.05 -24.48 19.34
C GLU D 89 -31.01 -25.06 18.40
N LEU D 90 -29.79 -25.31 18.87
CA LEU D 90 -28.74 -25.90 18.06
C LEU D 90 -28.72 -27.42 18.14
N ALA D 91 -29.68 -28.02 18.83
CA ALA D 91 -29.81 -29.47 18.84
C ALA D 91 -30.52 -29.93 17.56
N GLY D 92 -30.09 -31.07 17.05
CA GLY D 92 -30.62 -31.56 15.78
C GLY D 92 -30.01 -30.91 14.55
N VAL D 93 -29.06 -29.99 14.72
CA VAL D 93 -28.39 -29.40 13.57
C VAL D 93 -27.66 -30.50 12.81
N ASP D 94 -27.88 -30.55 11.49
CA ASP D 94 -27.30 -31.62 10.69
C ASP D 94 -25.81 -31.38 10.43
N VAL D 95 -25.42 -30.13 10.23
CA VAL D 95 -24.03 -29.81 9.88
C VAL D 95 -23.79 -28.34 10.16
N PHE D 96 -22.56 -28.01 10.53
CA PHE D 96 -22.11 -26.63 10.67
C PHE D 96 -21.40 -26.21 9.40
N PHE D 97 -21.92 -25.17 8.74
CA PHE D 97 -21.24 -24.60 7.59
C PHE D 97 -20.24 -23.55 8.08
N LEU D 98 -18.95 -23.79 7.82
CA LEU D 98 -17.90 -22.90 8.29
C LEU D 98 -17.72 -21.79 7.27
N ALA D 99 -18.53 -20.75 7.43
CA ALA D 99 -18.39 -19.52 6.63
C ALA D 99 -17.31 -18.61 7.19
N LEU D 100 -16.22 -19.19 7.68
CA LEU D 100 -15.13 -18.43 8.29
C LEU D 100 -14.14 -17.99 7.23
N HIS D 101 -13.09 -17.29 7.68
CA HIS D 101 -12.03 -16.82 6.82
C HIS D 101 -10.77 -16.66 7.66
N GLY D 102 -9.63 -16.99 7.06
CA GLY D 102 -8.37 -16.83 7.74
C GLY D 102 -8.08 -17.94 8.74
N GLY D 103 -7.20 -17.61 9.70
CA GLY D 103 -6.69 -18.62 10.62
C GLY D 103 -7.76 -19.28 11.47
N THR D 104 -8.85 -18.55 11.76
CA THR D 104 -9.90 -19.10 12.62
C THR D 104 -10.45 -20.41 12.06
N GLY D 105 -10.60 -20.50 10.75
CA GLY D 105 -11.10 -21.71 10.13
C GLY D 105 -10.02 -22.56 9.50
N GLU D 106 -8.80 -22.03 9.42
CA GLU D 106 -7.69 -22.75 8.77
C GLU D 106 -6.78 -23.48 9.73
N ASP D 107 -6.57 -22.97 10.95
CA ASP D 107 -5.56 -23.59 11.81
C ASP D 107 -6.03 -24.92 12.41
N GLY D 108 -7.30 -25.29 12.21
CA GLY D 108 -7.79 -26.58 12.65
C GLY D 108 -8.31 -26.63 14.07
N THR D 109 -8.17 -25.56 14.84
CA THR D 109 -8.66 -25.57 16.21
C THR D 109 -10.15 -25.86 16.25
N LEU D 110 -10.93 -25.14 15.45
CA LEU D 110 -12.38 -25.29 15.49
C LEU D 110 -12.81 -26.66 14.98
N GLN D 111 -12.20 -27.12 13.89
CA GLN D 111 -12.52 -28.45 13.36
C GLN D 111 -12.27 -29.52 14.41
N ALA D 112 -11.21 -29.38 15.20
CA ALA D 112 -10.92 -30.37 16.25
C ALA D 112 -11.97 -30.32 17.35
N LEU D 113 -12.44 -29.12 17.70
CA LEU D 113 -13.47 -29.01 18.73
C LEU D 113 -14.77 -29.65 18.29
N LEU D 114 -15.18 -29.40 17.03
CA LEU D 114 -16.43 -29.98 16.55
C LEU D 114 -16.36 -31.49 16.43
N ASP D 115 -15.17 -32.04 16.15
CA ASP D 115 -15.02 -33.50 16.14
C ASP D 115 -15.22 -34.06 17.54
N ALA D 116 -14.67 -33.40 18.55
CA ALA D 116 -14.83 -33.86 19.93
C ALA D 116 -16.29 -33.76 20.37
N GLY D 117 -17.02 -32.77 19.87
CA GLY D 117 -18.44 -32.65 20.10
C GLY D 117 -19.32 -33.50 19.22
N GLY D 118 -18.74 -34.35 18.38
CA GLY D 118 -19.52 -35.21 17.52
C GLY D 118 -20.25 -34.52 16.39
N PHE D 119 -20.05 -33.21 16.22
CA PHE D 119 -20.80 -32.44 15.24
C PHE D 119 -20.18 -32.59 13.85
N ALA D 120 -21.05 -32.56 12.84
CA ALA D 120 -20.62 -32.53 11.45
C ALA D 120 -20.35 -31.10 11.01
N TYR D 121 -19.38 -30.93 10.13
CA TYR D 121 -19.02 -29.61 9.62
C TYR D 121 -18.52 -29.73 8.20
N THR D 122 -18.41 -28.59 7.53
CA THR D 122 -17.96 -28.54 6.15
C THR D 122 -16.45 -28.38 6.06
N GLY D 123 -15.89 -28.84 4.95
CA GLY D 123 -14.49 -28.63 4.68
C GLY D 123 -13.59 -29.71 5.26
N SER D 124 -12.30 -29.39 5.28
CA SER D 124 -11.27 -30.34 5.67
C SER D 124 -11.16 -30.44 7.19
N GLY D 125 -10.69 -31.59 7.65
CA GLY D 125 -10.50 -31.82 9.08
C GLY D 125 -9.37 -30.99 9.65
N HIS D 126 -9.11 -31.21 10.94
CA HIS D 126 -8.15 -30.36 11.63
C HIS D 126 -6.71 -30.66 11.25
N LEU D 127 -6.38 -31.92 10.97
CA LEU D 127 -5.03 -32.23 10.49
C LEU D 127 -4.80 -31.68 9.11
N ALA D 128 -5.76 -31.88 8.21
CA ALA D 128 -5.64 -31.38 6.84
C ALA D 128 -5.60 -29.87 6.80
N SER D 129 -6.44 -29.20 7.61
CA SER D 129 -6.46 -27.74 7.61
C SER D 129 -5.14 -27.17 8.13
N ALA D 130 -4.60 -27.76 9.20
CA ALA D 130 -3.36 -27.23 9.78
C ALA D 130 -2.17 -27.44 8.85
N MET D 131 -2.08 -28.61 8.23
CA MET D 131 -1.00 -28.86 7.27
C MET D 131 -1.07 -27.89 6.10
N ALA D 132 -2.28 -27.62 5.59
CA ALA D 132 -2.41 -26.72 4.46
C ALA D 132 -2.08 -25.28 4.84
N MET D 133 -2.37 -24.88 6.08
CA MET D 133 -2.05 -23.53 6.53
C MET D 133 -0.54 -23.33 6.68
N ASP D 134 0.20 -24.40 6.94
CA ASP D 134 1.65 -24.37 7.01
C ASP D 134 2.18 -24.47 5.58
N LYS D 135 2.43 -23.32 4.97
CA LYS D 135 2.87 -23.31 3.58
C LYS D 135 4.17 -24.08 3.38
N ASP D 136 5.05 -24.05 4.38
CA ASP D 136 6.29 -24.83 4.31
C ASP D 136 5.99 -26.32 4.27
N VAL D 137 5.21 -26.81 5.24
CA VAL D 137 4.88 -28.24 5.29
C VAL D 137 4.09 -28.66 4.05
N ALA D 138 3.17 -27.80 3.60
CA ALA D 138 2.40 -28.11 2.40
C ALA D 138 3.31 -28.32 1.19
N LYS D 139 4.27 -27.42 1.00
CA LYS D 139 5.17 -27.55 -0.15
C LYS D 139 6.03 -28.80 -0.05
N ARG D 140 6.38 -29.21 1.16
CA ARG D 140 7.04 -30.51 1.34
C ARG D 140 6.14 -31.63 0.85
N LEU D 141 4.85 -31.57 1.20
CA LEU D 141 3.92 -32.61 0.78
C LEU D 141 3.55 -32.50 -0.69
N PHE D 142 3.69 -31.31 -1.29
CA PHE D 142 3.57 -31.21 -2.74
C PHE D 142 4.62 -32.07 -3.43
N LEU D 143 5.88 -31.89 -3.05
CA LEU D 143 6.97 -32.63 -3.68
C LEU D 143 6.83 -34.13 -3.44
N ALA D 144 6.40 -34.53 -2.24
CA ALA D 144 6.24 -35.95 -1.95
C ALA D 144 5.14 -36.57 -2.80
N ALA D 145 4.15 -35.78 -3.20
CA ALA D 145 3.07 -36.24 -4.06
C ALA D 145 3.41 -36.15 -5.54
N GLY D 146 4.64 -35.74 -5.89
CA GLY D 146 4.98 -35.53 -7.27
C GLY D 146 4.43 -34.27 -7.89
N VAL D 147 4.12 -33.26 -7.07
CA VAL D 147 3.57 -32.00 -7.54
C VAL D 147 4.67 -30.95 -7.40
N GLU D 148 5.16 -30.45 -8.53
CA GLU D 148 6.29 -29.53 -8.50
C GLU D 148 5.92 -28.22 -7.82
N THR D 149 6.89 -27.66 -7.11
CA THR D 149 6.69 -26.40 -6.41
C THR D 149 8.02 -25.64 -6.41
N ALA D 150 7.93 -24.32 -6.32
CA ALA D 150 9.13 -23.49 -6.40
C ALA D 150 10.06 -23.75 -5.23
N SER D 151 11.36 -23.73 -5.50
CA SER D 151 12.34 -23.92 -4.44
C SER D 151 12.13 -22.89 -3.34
N TRP D 152 12.35 -23.32 -2.09
CA TRP D 152 12.14 -22.43 -0.97
C TRP D 152 13.06 -22.82 0.18
N LEU D 153 13.35 -21.84 1.03
CA LEU D 153 14.09 -22.04 2.26
C LEU D 153 13.39 -21.28 3.37
N MET D 154 13.56 -21.76 4.59
CA MET D 154 12.97 -21.11 5.75
C MET D 154 14.04 -20.28 6.47
N ALA D 155 13.68 -19.06 6.84
CA ALA D 155 14.61 -18.21 7.57
C ALA D 155 14.88 -18.80 8.95
N PRO D 156 16.14 -18.76 9.43
CA PRO D 156 17.26 -18.12 8.75
C PRO D 156 17.91 -18.99 7.68
N ALA D 157 18.48 -18.35 6.67
CA ALA D 157 19.22 -19.08 5.64
C ALA D 157 20.66 -18.58 5.59
N SER D 158 21.23 -18.55 4.39
CA SER D 158 22.57 -18.01 4.21
C SER D 158 22.72 -17.59 2.75
N GLU D 159 23.68 -16.71 2.51
CA GLU D 159 23.88 -16.19 1.15
C GLU D 159 24.11 -17.31 0.16
N GLU D 160 24.98 -18.27 0.52
CA GLU D 160 25.28 -19.37 -0.39
C GLU D 160 24.04 -20.22 -0.66
N GLU D 161 23.24 -20.47 0.37
CA GLU D 161 22.00 -21.21 0.17
C GLU D 161 21.02 -20.44 -0.70
N VAL D 162 20.81 -19.16 -0.39
CA VAL D 162 19.90 -18.32 -1.17
C VAL D 162 20.39 -18.21 -2.61
N ARG D 163 21.69 -18.03 -2.80
CA ARG D 163 22.25 -17.84 -4.14
C ARG D 163 22.21 -19.11 -4.97
N GLU D 164 22.54 -20.25 -4.36
CA GLU D 164 22.63 -21.50 -5.12
C GLU D 164 21.28 -22.15 -5.33
N GLN D 165 20.34 -21.99 -4.41
CA GLN D 165 19.07 -22.70 -4.46
C GLN D 165 17.89 -21.83 -4.87
N LEU D 166 17.89 -20.54 -4.50
CA LEU D 166 16.78 -19.64 -4.81
C LEU D 166 17.12 -18.66 -5.92
N GLY D 167 18.12 -17.81 -5.72
CA GLY D 167 18.43 -16.77 -6.68
C GLY D 167 17.49 -15.59 -6.51
N PHE D 168 17.68 -14.60 -7.39
CA PHE D 168 16.92 -13.37 -7.31
C PHE D 168 16.25 -13.09 -8.66
N PRO D 169 15.05 -12.49 -8.64
CA PRO D 169 14.31 -12.07 -7.43
C PRO D 169 13.61 -13.22 -6.71
N LEU D 170 13.29 -13.01 -5.43
CA LEU D 170 12.62 -14.02 -4.63
C LEU D 170 11.56 -13.36 -3.77
N VAL D 171 10.68 -14.19 -3.22
CA VAL D 171 9.55 -13.72 -2.44
C VAL D 171 9.80 -14.05 -0.96
N VAL D 172 9.54 -13.07 -0.09
CA VAL D 172 9.64 -13.24 1.34
C VAL D 172 8.24 -13.05 1.92
N LYS D 173 7.74 -14.06 2.63
CA LYS D 173 6.38 -14.04 3.13
C LYS D 173 6.32 -14.82 4.43
N PRO D 174 5.37 -14.50 5.31
CA PRO D 174 5.17 -15.34 6.50
C PRO D 174 4.65 -16.71 6.11
N ASN D 175 4.93 -17.69 6.98
CA ASN D 175 4.57 -19.07 6.66
C ASN D 175 3.08 -19.30 6.70
N SER D 176 2.35 -18.53 7.51
CA SER D 176 0.90 -18.67 7.60
C SER D 176 0.20 -17.55 6.83
N VAL D 181 -1.03 -10.00 5.22
CA VAL D 181 -0.05 -10.41 4.21
C VAL D 181 1.18 -9.50 4.27
N GLY D 182 2.16 -9.90 5.08
CA GLY D 182 3.41 -9.18 5.17
C GLY D 182 4.41 -9.65 4.15
N LEU D 183 4.04 -9.59 2.88
CA LEU D 183 4.83 -10.15 1.79
C LEU D 183 5.70 -9.07 1.16
N SER D 184 6.93 -9.44 0.83
CA SER D 184 7.88 -8.52 0.20
C SER D 184 8.57 -9.22 -0.96
N ILE D 185 9.09 -8.41 -1.88
CA ILE D 185 9.88 -8.90 -3.00
C ILE D 185 11.33 -8.49 -2.77
N VAL D 186 12.25 -9.45 -2.89
CA VAL D 186 13.67 -9.23 -2.64
C VAL D 186 14.40 -9.30 -3.97
N HIS D 187 15.09 -8.21 -4.33
CA HIS D 187 15.77 -8.12 -5.62
C HIS D 187 17.26 -8.42 -5.53
N SER D 188 17.87 -8.26 -4.36
CA SER D 188 19.29 -8.53 -4.19
C SER D 188 19.54 -8.97 -2.76
N GLN D 189 20.77 -9.42 -2.50
CA GLN D 189 21.10 -9.94 -1.18
C GLN D 189 20.93 -8.89 -0.08
N ALA D 190 21.16 -7.61 -0.41
CA ALA D 190 21.05 -6.56 0.58
C ALA D 190 19.62 -6.30 1.03
N GLU D 191 18.63 -6.76 0.26
CA GLU D 191 17.22 -6.53 0.58
C GLU D 191 16.60 -7.66 1.38
N LEU D 192 17.36 -8.69 1.73
CA LEU D 192 16.78 -9.89 2.33
C LEU D 192 16.39 -9.68 3.78
N GLN D 193 17.32 -9.18 4.61
CA GLN D 193 17.08 -9.11 6.05
C GLN D 193 15.93 -8.18 6.44
N PRO D 194 15.79 -6.97 5.88
CA PRO D 194 14.61 -6.16 6.24
C PRO D 194 13.29 -6.81 5.86
N ALA D 195 13.27 -7.60 4.78
CA ALA D 195 12.05 -8.30 4.41
C ALA D 195 11.70 -9.40 5.41
N ILE D 196 12.71 -10.04 6.00
CA ILE D 196 12.45 -11.06 7.00
C ILE D 196 11.86 -10.44 8.27
N GLU D 197 12.39 -9.28 8.68
CA GLU D 197 11.83 -8.60 9.84
C GLU D 197 10.39 -8.16 9.58
N LEU D 198 10.12 -7.67 8.36
CA LEU D 198 8.76 -7.26 8.02
C LEU D 198 7.82 -8.46 8.02
N ALA D 199 8.25 -9.57 7.41
CA ALA D 199 7.42 -10.77 7.39
C ALA D 199 7.28 -11.38 8.78
N GLY D 200 8.36 -11.40 9.55
CA GLY D 200 8.31 -11.93 10.89
C GLY D 200 7.97 -10.87 11.92
N ARG D 201 7.14 -9.90 11.53
CA ARG D 201 6.79 -8.82 12.44
C ARG D 201 5.96 -9.32 13.61
N TYR D 202 5.05 -10.26 13.36
CA TYR D 202 4.17 -10.80 14.40
C TYR D 202 4.62 -12.18 14.89
N GLY D 203 5.88 -12.51 14.71
CA GLY D 203 6.40 -13.76 15.28
C GLY D 203 6.06 -15.02 14.53
N ASP D 204 6.00 -14.96 13.20
CA ASP D 204 5.74 -16.14 12.38
C ASP D 204 7.03 -16.63 11.74
N GLU D 205 6.99 -17.88 11.27
CA GLU D 205 8.06 -18.38 10.43
C GLU D 205 8.06 -17.64 9.10
N VAL D 206 9.26 -17.47 8.53
CA VAL D 206 9.44 -16.70 7.30
C VAL D 206 9.95 -17.64 6.21
N MET D 207 9.25 -17.65 5.07
CA MET D 207 9.63 -18.48 3.94
C MET D 207 10.29 -17.61 2.87
N LEU D 208 11.38 -18.12 2.31
CA LEU D 208 12.06 -17.48 1.18
C LEU D 208 11.80 -18.38 -0.03
N GLU D 209 10.93 -17.92 -0.92
CA GLU D 209 10.49 -18.72 -2.05
C GLU D 209 11.02 -18.13 -3.35
N ARG D 210 11.55 -19.00 -4.21
CA ARG D 210 11.98 -18.57 -5.54
C ARG D 210 10.80 -18.00 -6.31
N PHE D 211 11.00 -16.83 -6.91
CA PHE D 211 9.96 -16.24 -7.74
C PHE D 211 9.95 -16.88 -9.12
N VAL D 212 8.75 -17.18 -9.61
CA VAL D 212 8.56 -17.76 -10.94
C VAL D 212 7.73 -16.77 -11.75
N ALA D 213 8.29 -16.30 -12.85
CA ALA D 213 7.53 -15.44 -13.75
C ALA D 213 6.51 -16.26 -14.52
N GLY D 214 5.34 -15.68 -14.72
CA GLY D 214 4.29 -16.34 -15.47
C GLY D 214 2.92 -15.90 -14.98
N ARG D 215 1.94 -16.76 -15.22
CA ARG D 215 0.53 -16.46 -14.98
C ARG D 215 0.05 -17.10 -13.68
N GLU D 216 -0.97 -16.48 -13.10
CA GLU D 216 -1.58 -16.94 -11.85
C GLU D 216 -2.86 -17.69 -12.17
N VAL D 217 -2.87 -19.00 -11.89
CA VAL D 217 -4.03 -19.84 -12.16
C VAL D 217 -4.47 -20.52 -10.88
N THR D 218 -5.75 -20.87 -10.82
CA THR D 218 -6.31 -21.44 -9.61
C THR D 218 -7.29 -22.54 -9.98
N VAL D 219 -7.28 -23.62 -9.21
CA VAL D 219 -8.08 -24.80 -9.50
C VAL D 219 -8.90 -25.15 -8.27
N GLY D 220 -10.22 -24.97 -8.38
CA GLY D 220 -11.10 -25.45 -7.33
C GLY D 220 -11.34 -26.94 -7.46
N VAL D 221 -11.55 -27.58 -6.32
CA VAL D 221 -11.89 -28.99 -6.25
C VAL D 221 -13.18 -29.11 -5.46
N LEU D 222 -14.11 -29.92 -5.96
CA LEU D 222 -15.36 -30.21 -5.26
C LEU D 222 -15.50 -31.72 -5.16
N ASP D 223 -15.54 -32.24 -3.93
CA ASP D 223 -15.52 -33.67 -3.68
C ASP D 223 -14.28 -34.31 -4.30
N ASP D 224 -14.45 -35.04 -5.40
CA ASP D 224 -13.33 -35.62 -6.12
C ASP D 224 -13.23 -35.07 -7.54
N GLN D 225 -13.93 -33.98 -7.84
CA GLN D 225 -14.00 -33.42 -9.17
C GLN D 225 -13.23 -32.11 -9.21
N ALA D 226 -12.30 -31.99 -10.16
CA ALA D 226 -11.64 -30.72 -10.41
C ALA D 226 -12.60 -29.80 -11.14
N LEU D 227 -12.70 -28.56 -10.67
CA LEU D 227 -13.53 -27.56 -11.31
C LEU D 227 -12.76 -26.87 -12.42
N PRO D 228 -13.45 -26.18 -13.34
CA PRO D 228 -12.75 -25.45 -14.40
C PRO D 228 -11.69 -24.51 -13.86
N VAL D 229 -10.57 -24.43 -14.56
CA VAL D 229 -9.43 -23.62 -14.12
C VAL D 229 -9.75 -22.16 -14.31
N GLY D 230 -9.31 -21.33 -13.36
CA GLY D 230 -9.43 -19.90 -13.50
C GLY D 230 -8.08 -19.21 -13.57
N GLU D 231 -8.05 -18.00 -14.12
CA GLU D 231 -6.83 -17.20 -14.14
C GLU D 231 -7.12 -15.83 -13.53
N ILE D 232 -6.20 -15.38 -12.69
CA ILE D 232 -6.24 -14.03 -12.13
C ILE D 232 -5.33 -13.15 -12.97
N LEU D 233 -5.89 -12.09 -13.56
CA LEU D 233 -5.14 -11.22 -14.46
C LEU D 233 -4.51 -10.08 -13.66
N LEU D 234 -3.19 -10.15 -13.49
CA LEU D 234 -2.44 -9.17 -12.69
C LEU D 234 -2.04 -7.93 -13.48
N GLY D 235 -2.00 -8.03 -14.80
CA GLY D 235 -1.44 -6.98 -15.64
C GLY D 235 -0.13 -7.36 -16.29
N GLY D 236 0.45 -8.49 -15.90
CA GLY D 236 1.69 -8.95 -16.49
C GLY D 236 2.21 -10.16 -15.74
N GLN D 237 3.31 -10.70 -16.24
CA GLN D 237 3.85 -11.95 -15.73
C GLN D 237 5.18 -11.78 -15.01
N GLU D 238 5.72 -10.57 -14.93
CA GLU D 238 7.03 -10.34 -14.34
C GLU D 238 6.88 -9.95 -12.87
N VAL D 239 8.03 -9.87 -12.19
CA VAL D 239 8.03 -9.62 -10.75
C VAL D 239 7.50 -8.23 -10.42
N PHE D 240 7.56 -7.28 -11.36
CA PHE D 240 6.97 -5.97 -11.12
C PHE D 240 5.45 -6.07 -10.96
N ASP D 241 4.81 -6.85 -11.82
CA ASP D 241 3.35 -6.99 -11.75
C ASP D 241 2.90 -7.67 -10.47
N TYR D 242 3.69 -8.63 -9.98
CA TYR D 242 3.37 -9.27 -8.71
C TYR D 242 3.69 -8.39 -7.51
N GLU D 243 4.58 -7.41 -7.67
CA GLU D 243 4.87 -6.49 -6.58
C GLU D 243 3.78 -5.44 -6.41
N HIS D 244 3.20 -4.97 -7.52
CA HIS D 244 2.22 -3.90 -7.50
C HIS D 244 0.89 -4.44 -8.01
N LYS D 245 0.24 -5.28 -7.19
CA LYS D 245 -1.02 -5.90 -7.59
C LYS D 245 -2.24 -5.01 -7.32
N TYR D 246 -2.11 -4.05 -6.41
CA TYR D 246 -3.24 -3.20 -6.04
C TYR D 246 -3.70 -2.32 -7.20
N VAL D 251 -9.13 -6.03 -10.84
CA VAL D 251 -8.49 -7.30 -11.18
C VAL D 251 -9.50 -8.27 -11.80
N ARG D 252 -9.23 -8.67 -13.04
CA ARG D 252 -10.13 -9.53 -13.80
C ARG D 252 -9.84 -10.98 -13.49
N GLU D 253 -10.90 -11.76 -13.27
CA GLU D 253 -10.81 -13.19 -13.04
C GLU D 253 -11.54 -13.92 -14.16
N VAL D 254 -10.87 -14.90 -14.75
CA VAL D 254 -11.33 -15.55 -15.98
C VAL D 254 -11.65 -17.01 -15.66
N PHE D 255 -12.92 -17.38 -15.75
CA PHE D 255 -13.36 -18.77 -15.63
C PHE D 255 -14.22 -19.10 -16.84
N PRO D 256 -13.85 -20.08 -17.67
CA PRO D 256 -12.60 -20.84 -17.59
C PRO D 256 -11.40 -20.07 -18.11
N ALA D 257 -10.22 -20.41 -17.62
CA ALA D 257 -9.01 -19.70 -18.04
C ALA D 257 -8.66 -20.04 -19.48
N ASP D 258 -8.17 -19.03 -20.21
CA ASP D 258 -7.73 -19.20 -21.60
C ASP D 258 -6.38 -19.92 -21.59
N LEU D 259 -6.44 -21.24 -21.52
CA LEU D 259 -5.26 -22.09 -21.49
C LEU D 259 -5.37 -23.17 -22.55
N PRO D 260 -4.24 -23.66 -23.05
CA PRO D 260 -4.28 -24.88 -23.88
C PRO D 260 -4.91 -26.01 -23.10
N PRO D 261 -5.76 -26.82 -23.73
CA PRO D 261 -6.51 -27.84 -22.98
C PRO D 261 -5.62 -28.80 -22.20
N ALA D 262 -4.43 -29.11 -22.71
CA ALA D 262 -3.54 -30.01 -21.98
C ALA D 262 -2.97 -29.34 -20.74
N ILE D 263 -2.76 -28.02 -20.78
CA ILE D 263 -2.25 -27.32 -19.61
C ILE D 263 -3.31 -27.27 -18.52
N ALA D 264 -4.53 -26.89 -18.89
CA ALA D 264 -5.62 -26.83 -17.91
C ALA D 264 -5.91 -28.22 -17.33
N ALA D 265 -5.82 -29.26 -18.15
CA ALA D 265 -6.05 -30.61 -17.65
C ALA D 265 -4.96 -31.02 -16.66
N GLU D 266 -3.72 -30.61 -16.91
CA GLU D 266 -2.65 -30.94 -15.96
C GLU D 266 -2.84 -30.21 -14.64
N ALA D 267 -3.19 -28.92 -14.69
CA ALA D 267 -3.45 -28.18 -13.45
C ALA D 267 -4.56 -28.84 -12.64
N GLN D 268 -5.60 -29.31 -13.33
CA GLN D 268 -6.67 -30.03 -12.65
C GLN D 268 -6.18 -31.36 -12.09
N ARG D 269 -5.33 -32.07 -12.85
CA ARG D 269 -4.76 -33.31 -12.34
C ARG D 269 -3.89 -33.06 -11.12
N LEU D 270 -3.09 -31.99 -11.14
CA LEU D 270 -2.19 -31.71 -10.03
C LEU D 270 -2.95 -31.25 -8.80
N ALA D 271 -4.04 -30.49 -9.00
CA ALA D 271 -4.81 -29.99 -7.86
C ALA D 271 -5.48 -31.12 -7.10
N LEU D 272 -6.00 -32.12 -7.83
CA LEU D 272 -6.58 -33.28 -7.18
C LEU D 272 -5.51 -34.09 -6.44
N LYS D 273 -4.29 -34.14 -6.97
CA LYS D 273 -3.21 -34.81 -6.24
C LYS D 273 -2.86 -34.05 -4.96
N VAL D 274 -2.88 -32.72 -5.01
CA VAL D 274 -2.65 -31.93 -3.80
C VAL D 274 -3.77 -32.14 -2.81
N HIS D 275 -5.01 -32.12 -3.29
CA HIS D 275 -6.17 -32.36 -2.44
C HIS D 275 -6.07 -33.70 -1.74
N ARG D 276 -5.68 -34.75 -2.46
CA ARG D 276 -5.58 -36.07 -1.85
C ARG D 276 -4.34 -36.19 -0.96
N ALA D 277 -3.21 -35.60 -1.37
CA ALA D 277 -1.98 -35.73 -0.59
C ALA D 277 -2.14 -35.11 0.79
N LEU D 278 -2.77 -33.94 0.87
CA LEU D 278 -3.01 -33.28 2.14
C LEU D 278 -4.23 -33.83 2.88
N LYS D 279 -4.88 -34.85 2.31
CA LYS D 279 -6.03 -35.53 2.95
C LYS D 279 -7.16 -34.54 3.24
N LEU D 280 -7.42 -33.65 2.28
CA LEU D 280 -8.50 -32.68 2.39
C LEU D 280 -9.84 -33.35 2.15
N SER D 281 -10.91 -32.63 2.46
CA SER D 281 -12.25 -33.14 2.27
C SER D 281 -13.19 -32.02 1.85
N GLY D 282 -14.24 -32.38 1.13
CA GLY D 282 -15.27 -31.43 0.75
C GLY D 282 -14.89 -30.59 -0.46
N TYR D 283 -14.04 -29.59 -0.23
CA TYR D 283 -13.66 -28.66 -1.29
C TYR D 283 -12.36 -27.97 -0.91
N SER D 284 -11.69 -27.43 -1.93
CA SER D 284 -10.41 -26.75 -1.73
C SER D 284 -10.11 -25.95 -2.99
N ARG D 285 -9.15 -25.04 -2.87
CA ARG D 285 -8.72 -24.22 -4.00
C ARG D 285 -7.20 -24.17 -4.01
N THR D 286 -6.60 -24.64 -5.10
CA THR D 286 -5.15 -24.73 -5.23
C THR D 286 -4.65 -23.70 -6.23
N ASP D 287 -3.62 -22.94 -5.85
CA ASP D 287 -3.06 -21.91 -6.71
C ASP D 287 -1.75 -22.40 -7.31
N PHE D 288 -1.54 -22.08 -8.59
CA PHE D 288 -0.34 -22.46 -9.31
C PHE D 288 0.25 -21.23 -9.99
N ARG D 289 1.52 -21.34 -10.34
CA ARG D 289 2.17 -20.41 -11.26
C ARG D 289 2.48 -21.15 -12.55
N LEU D 290 2.08 -20.56 -13.68
CA LEU D 290 2.28 -21.16 -15.00
C LEU D 290 3.35 -20.35 -15.74
N ASP D 291 4.52 -20.95 -15.94
CA ASP D 291 5.61 -20.24 -16.60
C ASP D 291 5.51 -20.37 -18.12
N GLU D 292 6.37 -19.63 -18.82
CA GLU D 292 6.34 -19.59 -20.27
C GLU D 292 6.62 -20.93 -20.92
N GLN D 293 7.18 -21.89 -20.18
CA GLN D 293 7.39 -23.23 -20.70
C GLN D 293 6.16 -24.11 -20.61
N GLY D 294 5.09 -23.64 -19.98
CA GLY D 294 3.91 -24.45 -19.75
C GLY D 294 3.98 -25.31 -18.50
N ARG D 295 4.93 -25.08 -17.61
CA ARG D 295 5.07 -25.87 -16.39
C ARG D 295 4.35 -25.19 -15.24
N LEU D 296 3.63 -25.99 -14.45
CA LEU D 296 2.88 -25.51 -13.30
C LEU D 296 3.70 -25.66 -12.04
N TRP D 297 3.73 -24.61 -11.21
CA TRP D 297 4.43 -24.63 -9.94
C TRP D 297 3.41 -24.34 -8.84
N CYS D 298 3.14 -25.33 -8.00
CA CYS D 298 2.11 -25.20 -6.99
C CYS D 298 2.56 -24.24 -5.89
N LEU D 299 1.70 -23.26 -5.58
CA LEU D 299 2.02 -22.27 -4.55
C LEU D 299 1.44 -22.69 -3.19
N GLU D 300 0.14 -22.93 -3.13
CA GLU D 300 -0.54 -23.24 -1.87
C GLU D 300 -1.90 -23.81 -2.19
N VAL D 301 -2.51 -24.43 -1.18
CA VAL D 301 -3.87 -24.93 -1.27
C VAL D 301 -4.66 -24.35 -0.10
N ASN D 302 -5.87 -23.88 -0.39
CA ASN D 302 -6.73 -23.24 0.59
C ASN D 302 -7.87 -24.19 0.94
N THR D 303 -7.99 -24.54 2.22
CA THR D 303 -9.09 -25.38 2.70
C THR D 303 -10.33 -24.57 3.05
N LEU D 304 -10.23 -23.25 3.06
CA LEU D 304 -11.34 -22.36 3.38
C LEU D 304 -11.45 -21.23 2.37
N PRO D 305 -11.62 -21.56 1.09
CA PRO D 305 -11.74 -20.50 0.08
C PRO D 305 -13.06 -19.77 0.22
N GLY D 306 -13.04 -18.48 -0.10
CA GLY D 306 -14.19 -17.61 0.02
C GLY D 306 -15.48 -18.20 -0.51
N MET D 307 -16.57 -18.04 0.23
CA MET D 307 -17.86 -18.59 -0.18
C MET D 307 -18.89 -17.49 -0.36
N THR D 308 -18.65 -16.61 -1.33
CA THR D 308 -19.65 -15.68 -1.84
C THR D 308 -19.87 -15.97 -3.32
N ALA D 309 -20.89 -15.33 -3.89
CA ALA D 309 -21.22 -15.61 -5.28
C ALA D 309 -20.11 -15.17 -6.23
N THR D 310 -19.31 -14.19 -5.82
CA THR D 310 -18.24 -13.65 -6.64
C THR D 310 -16.85 -14.14 -6.22
N SER D 311 -16.77 -15.16 -5.38
CA SER D 311 -15.48 -15.69 -4.97
C SER D 311 -14.94 -16.66 -6.02
N LEU D 312 -13.69 -17.09 -5.82
CA LEU D 312 -12.97 -17.82 -6.87
C LEU D 312 -13.56 -19.21 -7.10
N LEU D 313 -13.79 -19.97 -6.02
CA LEU D 313 -14.29 -21.33 -6.19
C LEU D 313 -15.73 -21.35 -6.70
N PRO D 314 -16.64 -20.51 -6.16
CA PRO D 314 -17.99 -20.46 -6.74
C PRO D 314 -17.99 -20.05 -8.20
N GLN D 315 -17.07 -19.19 -8.64
CA GLN D 315 -16.97 -18.87 -10.07
C GLN D 315 -16.59 -20.11 -10.88
N ALA D 316 -15.64 -20.90 -10.38
CA ALA D 316 -15.28 -22.13 -11.05
C ALA D 316 -16.44 -23.12 -11.08
N ALA D 317 -17.20 -23.19 -9.98
CA ALA D 317 -18.35 -24.08 -9.95
C ALA D 317 -19.40 -23.67 -10.96
N ALA D 318 -19.62 -22.36 -11.11
CA ALA D 318 -20.57 -21.86 -12.10
C ALA D 318 -20.11 -22.18 -13.52
N ALA D 319 -18.81 -22.14 -13.77
CA ALA D 319 -18.29 -22.54 -15.06
C ALA D 319 -18.50 -24.02 -15.35
N ALA D 320 -18.81 -24.82 -14.32
CA ALA D 320 -19.22 -26.20 -14.49
C ALA D 320 -20.72 -26.39 -14.35
N GLY D 321 -21.49 -25.31 -14.46
CA GLY D 321 -22.93 -25.39 -14.40
C GLY D 321 -23.52 -25.51 -13.01
N ILE D 322 -22.76 -25.19 -11.96
CA ILE D 322 -23.20 -25.37 -10.58
C ILE D 322 -23.43 -24.01 -9.96
N GLY D 323 -24.69 -23.70 -9.65
CA GLY D 323 -25.02 -22.43 -9.01
C GLY D 323 -24.60 -22.40 -7.55
N PHE D 324 -24.62 -21.18 -6.99
CA PHE D 324 -24.11 -20.97 -5.65
C PHE D 324 -24.90 -21.73 -4.60
N ALA D 325 -26.24 -21.72 -4.71
CA ALA D 325 -27.06 -22.46 -3.75
C ALA D 325 -26.78 -23.95 -3.83
N GLU D 326 -26.67 -24.49 -5.05
CA GLU D 326 -26.36 -25.90 -5.20
C GLU D 326 -24.99 -26.22 -4.64
N LEU D 327 -24.01 -25.32 -4.85
CA LEU D 327 -22.68 -25.55 -4.31
C LEU D 327 -22.69 -25.59 -2.80
N CYS D 328 -23.44 -24.68 -2.16
CA CYS D 328 -23.50 -24.65 -0.70
C CYS D 328 -24.14 -25.92 -0.15
N GLU D 329 -25.24 -26.37 -0.77
CA GLU D 329 -25.89 -27.59 -0.31
C GLU D 329 -25.01 -28.81 -0.53
N ARG D 330 -24.31 -28.87 -1.66
CA ARG D 330 -23.42 -30.00 -1.93
C ARG D 330 -22.32 -30.06 -0.88
N ILE D 331 -21.78 -28.92 -0.48
CA ILE D 331 -20.72 -28.89 0.52
C ILE D 331 -21.27 -29.33 1.88
N CYS D 332 -22.50 -28.93 2.20
CA CYS D 332 -23.15 -29.41 3.42
C CYS D 332 -23.25 -30.92 3.46
N ARG D 333 -23.73 -31.51 2.35
CA ARG D 333 -23.93 -32.96 2.34
C ARG D 333 -22.60 -33.70 2.33
N LEU D 334 -21.55 -33.10 1.75
CA LEU D 334 -20.23 -33.72 1.81
C LEU D 334 -19.71 -33.74 3.24
N GLY D 335 -19.91 -32.66 3.99
CA GLY D 335 -19.49 -32.66 5.38
C GLY D 335 -20.28 -33.62 6.24
N ILE D 336 -21.53 -33.87 5.88
CA ILE D 336 -22.34 -34.85 6.61
C ILE D 336 -21.85 -36.26 6.31
N GLU D 337 -21.65 -36.57 5.03
CA GLU D 337 -21.18 -37.90 4.65
C GLU D 337 -19.80 -38.21 5.23
N ARG D 338 -18.95 -37.18 5.37
CA ARG D 338 -17.63 -37.41 5.96
C ARG D 338 -17.75 -37.75 7.44
N CYS D 339 -18.64 -37.06 8.16
CA CYS D 339 -18.85 -37.34 9.57
C CYS D 339 -19.45 -38.73 9.78
N LYS D 340 -20.21 -39.23 8.79
CA LYS D 340 -20.75 -40.58 8.85
C LYS D 340 -19.63 -41.60 8.67
N GLY D 341 -18.71 -41.68 9.62
CA GLY D 341 -17.60 -42.59 9.53
C GLY D 341 -16.40 -42.17 10.36
#